data_5K7Z
#
_entry.id   5K7Z
#
_cell.length_a   164.711
_cell.length_b   164.711
_cell.length_c   203.275
_cell.angle_alpha   90.00
_cell.angle_beta   90.00
_cell.angle_gamma   90.00
#
_symmetry.space_group_name_H-M   'I 4 2 2'
#
loop_
_entity.id
_entity.type
_entity.pdbx_description
1 polymer 'Transcriptional regulator, TetR family'
2 polymer 'DNA (32-MER)'
3 non-polymer 'Isovaleryl-coenzyme A'
4 water water
#
loop_
_entity_poly.entity_id
_entity_poly.type
_entity_poly.pdbx_seq_one_letter_code
_entity_poly.pdbx_strand_id
1 'polypeptide(L)'
;GSHMTNTGGRKPDEGERYRAILETAARLICDRGYEGTSMQEIAAACRMTKAGLYHHIQNKEQLLFAIMNYGMDLFEEQVL
SRVQDIANPVERLRACMRHNILLVTRGWSKEVIIILHEHATLTGETRAFIDARKKKYVDFLEEAFSQASQQGLIRPVDPT
VGAFSFLGMVLWIYKWFKPDGRLTDEQIADGMVGMLFPPFAAAGDTAGQAGPSPLRMVPSVSATGTDSEDA
;
A,B,C,D
2 'polydeoxyribonucleotide' (DC)(DC)(DT)(DA)(DC)(DC)(DG)(DA)(DT)(DC)(DG)(DG)(DT)(DA)(DG)(DG) E,F
#
loop_
_chem_comp.id
_chem_comp.type
_chem_comp.name
_chem_comp.formula
DA DNA linking 2'-DEOXYADENOSINE-5'-MONOPHOSPHATE 'C10 H14 N5 O6 P'
DC DNA linking 2'-DEOXYCYTIDINE-5'-MONOPHOSPHATE 'C9 H14 N3 O7 P'
DG DNA linking 2'-DEOXYGUANOSINE-5'-MONOPHOSPHATE 'C10 H14 N5 O7 P'
DT DNA linking THYMIDINE-5'-MONOPHOSPHATE 'C10 H15 N2 O8 P'
IVC non-polymer 'Isovaleryl-coenzyme A' 'C26 H44 N7 O17 P3 S'
#
# COMPACT_ATOMS: atom_id res chain seq x y z
N GLU A 16 13.38 13.34 -28.94
CA GLU A 16 13.76 13.40 -27.54
C GLU A 16 14.88 12.41 -27.24
N ARG A 17 15.90 12.88 -26.52
CA ARG A 17 17.03 12.03 -26.15
C ARG A 17 16.72 11.18 -24.93
N TYR A 18 16.05 11.77 -23.94
CA TYR A 18 15.71 11.04 -22.72
C TYR A 18 14.90 9.79 -23.02
N ARG A 19 13.89 9.92 -23.88
CA ARG A 19 13.04 8.78 -24.20
C ARG A 19 13.84 7.68 -24.87
N ALA A 20 14.72 8.03 -25.80
CA ALA A 20 15.53 7.03 -26.49
C ALA A 20 16.38 6.23 -25.51
N ILE A 21 16.75 6.84 -24.39
CA ILE A 21 17.55 6.14 -23.39
C ILE A 21 16.70 5.12 -22.63
N LEU A 22 15.45 5.49 -22.33
CA LEU A 22 14.57 4.55 -21.64
C LEU A 22 14.27 3.33 -22.50
N GLU A 23 14.09 3.53 -23.80
CA GLU A 23 13.81 2.41 -24.69
C GLU A 23 15.03 1.50 -24.80
N THR A 24 16.21 2.08 -25.03
CA THR A 24 17.42 1.27 -25.13
C THR A 24 17.71 0.56 -23.82
N ALA A 25 17.64 1.29 -22.70
CA ALA A 25 17.86 0.68 -21.39
C ALA A 25 16.78 -0.33 -21.05
N ALA A 26 15.62 -0.28 -21.72
CA ALA A 26 14.57 -1.25 -21.46
C ALA A 26 14.82 -2.55 -22.22
N ARG A 27 15.28 -2.45 -23.47
CA ARG A 27 15.58 -3.66 -24.23
C ARG A 27 16.67 -4.49 -23.57
N LEU A 28 17.62 -3.84 -22.90
CA LEU A 28 18.68 -4.56 -22.19
C LEU A 28 18.17 -5.14 -20.88
N ILE A 29 17.62 -4.27 -20.02
CA ILE A 29 17.12 -4.71 -18.72
C ILE A 29 16.10 -5.82 -18.87
N CYS A 30 15.44 -5.90 -20.03
CA CYS A 30 14.50 -6.99 -20.28
C CYS A 30 15.24 -8.29 -20.58
N ASP A 31 16.30 -8.23 -21.38
CA ASP A 31 17.04 -9.44 -21.73
C ASP A 31 17.87 -9.94 -20.56
N ARG A 32 18.69 -9.08 -19.97
CA ARG A 32 19.61 -9.49 -18.91
C ARG A 32 19.04 -9.29 -17.51
N GLY A 33 17.94 -8.55 -17.36
CA GLY A 33 17.40 -8.26 -16.06
C GLY A 33 18.02 -7.04 -15.42
N TYR A 34 17.33 -6.52 -14.41
CA TYR A 34 17.79 -5.30 -13.74
C TYR A 34 19.11 -5.54 -13.02
N GLU A 35 19.11 -6.40 -12.01
CA GLU A 35 20.33 -6.68 -11.26
C GLU A 35 21.44 -7.23 -12.14
N GLY A 36 21.11 -7.77 -13.31
CA GLY A 36 22.08 -8.36 -14.20
C GLY A 36 22.51 -7.48 -15.35
N THR A 37 21.97 -6.28 -15.45
CA THR A 37 22.40 -5.31 -16.46
C THR A 37 23.38 -4.33 -15.84
N SER A 38 24.36 -3.90 -16.62
CA SER A 38 25.39 -2.98 -16.17
C SER A 38 25.14 -1.60 -16.75
N MET A 39 25.45 -0.57 -15.95
CA MET A 39 25.40 0.79 -16.46
C MET A 39 26.42 1.04 -17.56
N GLN A 40 27.50 0.26 -17.58
CA GLN A 40 28.50 0.39 -18.64
C GLN A 40 27.94 -0.07 -19.98
N GLU A 41 27.26 -1.22 -20.01
CA GLU A 41 26.73 -1.75 -21.26
C GLU A 41 25.44 -1.08 -21.66
N ILE A 42 24.72 -0.45 -20.73
CA ILE A 42 23.63 0.43 -21.11
C ILE A 42 24.18 1.65 -21.83
N ALA A 43 25.22 2.28 -21.25
CA ALA A 43 25.87 3.40 -21.91
C ALA A 43 26.41 3.00 -23.28
N ALA A 44 27.07 1.84 -23.36
CA ALA A 44 27.56 1.37 -24.64
C ALA A 44 26.42 1.18 -25.64
N ALA A 45 25.24 0.76 -25.16
CA ALA A 45 24.10 0.57 -26.04
C ALA A 45 23.57 1.91 -26.53
N CYS A 46 23.52 2.91 -25.65
CA CYS A 46 23.12 4.25 -26.03
C CYS A 46 24.18 4.99 -26.83
N ARG A 47 25.33 4.37 -27.07
CA ARG A 47 26.44 5.02 -27.76
C ARG A 47 26.87 6.28 -27.00
N MET A 48 27.19 6.09 -25.72
CA MET A 48 27.63 7.16 -24.85
C MET A 48 28.74 6.62 -23.95
N THR A 49 29.31 7.53 -23.16
CA THR A 49 30.15 7.13 -22.04
C THR A 49 29.28 6.96 -20.80
N LYS A 50 29.77 6.13 -19.87
CA LYS A 50 29.03 5.91 -18.63
C LYS A 50 28.76 7.21 -17.90
N ALA A 51 29.60 8.22 -18.12
CA ALA A 51 29.39 9.52 -17.49
C ALA A 51 28.33 10.32 -18.23
N GLY A 52 28.34 10.28 -19.57
CA GLY A 52 27.30 10.94 -20.32
C GLY A 52 25.92 10.39 -20.03
N LEU A 53 25.84 9.11 -19.65
CA LEU A 53 24.56 8.51 -19.30
C LEU A 53 24.00 9.12 -18.02
N TYR A 54 24.84 9.32 -17.01
CA TYR A 54 24.39 9.86 -15.74
C TYR A 54 24.05 11.34 -15.81
N HIS A 55 24.17 11.97 -16.97
CA HIS A 55 23.69 13.33 -17.14
C HIS A 55 22.18 13.35 -17.36
N HIS A 56 21.66 12.35 -18.08
CA HIS A 56 20.24 12.30 -18.41
C HIS A 56 19.41 11.61 -17.35
N ILE A 57 20.00 10.67 -16.60
CA ILE A 57 19.28 9.92 -15.57
C ILE A 57 19.99 10.12 -14.24
N GLN A 58 19.20 10.23 -13.17
CA GLN A 58 19.77 10.45 -11.85
C GLN A 58 20.64 9.27 -11.43
N ASN A 59 20.05 8.09 -11.33
CA ASN A 59 20.78 6.89 -10.95
C ASN A 59 20.09 5.70 -11.60
N LYS A 60 20.46 4.49 -11.16
CA LYS A 60 19.91 3.27 -11.76
C LYS A 60 18.50 3.01 -11.25
N GLU A 61 18.25 3.26 -9.96
CA GLU A 61 16.91 3.07 -9.42
C GLU A 61 15.89 3.95 -10.13
N GLN A 62 16.26 5.20 -10.41
CA GLN A 62 15.36 6.11 -11.10
C GLN A 62 15.23 5.78 -12.58
N LEU A 63 16.22 5.11 -13.15
CA LEU A 63 16.11 4.68 -14.55
C LEU A 63 15.06 3.60 -14.70
N LEU A 64 15.00 2.67 -13.75
CA LEU A 64 13.95 1.66 -13.77
C LEU A 64 12.58 2.28 -13.52
N PHE A 65 12.50 3.19 -12.54
CA PHE A 65 11.25 3.86 -12.25
C PHE A 65 10.69 4.57 -13.48
N ALA A 66 11.54 5.32 -14.18
CA ALA A 66 11.09 6.01 -15.39
C ALA A 66 10.67 5.03 -16.47
N ILE A 67 11.37 3.89 -16.56
CA ILE A 67 11.02 2.89 -17.57
C ILE A 67 9.64 2.31 -17.28
N MET A 68 9.30 2.16 -16.00
CA MET A 68 8.02 1.56 -15.63
C MET A 68 6.88 2.56 -15.81
N ASN A 69 7.10 3.83 -15.50
CA ASN A 69 6.09 4.85 -15.75
C ASN A 69 5.81 4.98 -17.24
N TYR A 70 6.86 5.01 -18.06
CA TYR A 70 6.67 5.04 -19.50
C TYR A 70 5.92 3.81 -19.99
N GLY A 71 6.12 2.67 -19.35
CA GLY A 71 5.40 1.46 -19.73
C GLY A 71 3.93 1.54 -19.37
N MET A 72 3.62 2.12 -18.21
CA MET A 72 2.22 2.29 -17.81
C MET A 72 1.51 3.27 -18.74
N ASP A 73 2.16 4.38 -19.07
CA ASP A 73 1.58 5.30 -20.04
C ASP A 73 1.23 4.59 -21.33
N LEU A 74 2.12 3.72 -21.80
CA LEU A 74 1.85 2.94 -23.01
C LEU A 74 0.68 2.00 -22.79
N PHE A 75 0.69 1.26 -21.68
CA PHE A 75 -0.40 0.34 -21.38
C PHE A 75 -1.74 1.07 -21.36
N GLU A 76 -1.81 2.20 -20.65
CA GLU A 76 -3.06 2.95 -20.58
C GLU A 76 -3.45 3.52 -21.92
N GLU A 77 -2.48 3.77 -22.81
CA GLU A 77 -2.79 4.28 -24.13
C GLU A 77 -3.29 3.18 -25.06
N GLN A 78 -2.66 2.01 -25.02
CA GLN A 78 -2.95 0.94 -25.97
C GLN A 78 -3.95 -0.08 -25.44
N VAL A 79 -4.46 0.10 -24.22
CA VAL A 79 -5.43 -0.84 -23.66
C VAL A 79 -6.61 -0.06 -23.07
N LEU A 80 -6.44 0.43 -21.84
CA LEU A 80 -7.55 1.09 -21.16
C LEU A 80 -8.13 2.22 -21.99
N SER A 81 -7.28 3.03 -22.61
CA SER A 81 -7.77 4.13 -23.44
C SER A 81 -8.66 3.64 -24.57
N ARG A 82 -8.58 2.37 -24.93
CA ARG A 82 -9.32 1.83 -26.06
C ARG A 82 -10.60 1.10 -25.68
N VAL A 83 -10.85 0.88 -24.39
CA VAL A 83 -11.94 0.00 -23.99
C VAL A 83 -12.74 0.57 -22.81
N GLN A 84 -12.20 1.60 -22.16
CA GLN A 84 -12.84 2.12 -20.96
C GLN A 84 -14.19 2.76 -21.23
N ASP A 85 -14.52 3.04 -22.49
CA ASP A 85 -15.78 3.66 -22.86
C ASP A 85 -16.80 2.66 -23.40
N ILE A 86 -16.57 1.37 -23.22
CA ILE A 86 -17.51 0.34 -23.65
C ILE A 86 -18.55 0.15 -22.56
N ALA A 87 -19.82 0.10 -22.95
CA ALA A 87 -20.91 0.01 -21.99
C ALA A 87 -21.16 -1.42 -21.55
N ASN A 88 -21.22 -2.34 -22.50
CA ASN A 88 -21.45 -3.75 -22.18
C ASN A 88 -20.25 -4.29 -21.40
N PRO A 89 -20.41 -4.73 -20.15
CA PRO A 89 -19.22 -5.10 -19.36
C PRO A 89 -18.45 -6.28 -19.92
N VAL A 90 -19.14 -7.32 -20.41
CA VAL A 90 -18.42 -8.48 -20.93
C VAL A 90 -17.76 -8.16 -22.26
N GLU A 91 -18.41 -7.34 -23.09
CA GLU A 91 -17.77 -6.89 -24.31
C GLU A 91 -16.55 -6.04 -24.02
N ARG A 92 -16.49 -5.42 -22.84
CA ARG A 92 -15.31 -4.66 -22.44
C ARG A 92 -14.20 -5.58 -21.97
N LEU A 93 -14.55 -6.64 -21.24
CA LEU A 93 -13.54 -7.62 -20.82
C LEU A 93 -13.01 -8.41 -22.01
N ARG A 94 -13.79 -8.54 -23.09
CA ARG A 94 -13.31 -9.25 -24.26
C ARG A 94 -12.29 -8.44 -25.03
N ALA A 95 -12.55 -7.13 -25.21
CA ALA A 95 -11.62 -6.29 -25.95
C ALA A 95 -10.38 -5.97 -25.13
N CYS A 96 -10.53 -5.83 -23.81
CA CYS A 96 -9.37 -5.61 -22.96
C CYS A 96 -8.42 -6.78 -23.05
N MET A 97 -8.94 -8.01 -23.00
CA MET A 97 -8.09 -9.18 -23.12
C MET A 97 -7.40 -9.22 -24.48
N ARG A 98 -8.15 -8.94 -25.55
CA ARG A 98 -7.54 -8.90 -26.88
C ARG A 98 -6.37 -7.93 -26.92
N HIS A 99 -6.61 -6.68 -26.53
CA HIS A 99 -5.56 -5.66 -26.62
C HIS A 99 -4.41 -5.95 -25.67
N ASN A 100 -4.72 -6.43 -24.46
CA ASN A 100 -3.66 -6.71 -23.50
C ASN A 100 -2.82 -7.89 -23.93
N ILE A 101 -3.42 -8.87 -24.61
CA ILE A 101 -2.67 -10.01 -25.12
C ILE A 101 -1.74 -9.56 -26.23
N LEU A 102 -2.24 -8.74 -27.17
CA LEU A 102 -1.41 -8.29 -28.28
C LEU A 102 -0.26 -7.41 -27.78
N LEU A 103 -0.52 -6.57 -26.79
CA LEU A 103 0.54 -5.74 -26.22
C LEU A 103 1.73 -6.59 -25.78
N VAL A 104 1.47 -7.81 -25.32
CA VAL A 104 2.53 -8.69 -24.84
C VAL A 104 3.14 -9.50 -25.98
N THR A 105 2.30 -10.10 -26.83
CA THR A 105 2.83 -10.96 -27.90
C THR A 105 3.58 -10.14 -28.95
N ARG A 106 3.26 -8.86 -29.08
CA ARG A 106 3.98 -8.01 -30.03
C ARG A 106 5.44 -7.86 -29.64
N GLY A 107 5.70 -7.70 -28.35
CA GLY A 107 7.06 -7.46 -27.90
C GLY A 107 7.62 -6.11 -28.31
N TRP A 108 6.77 -5.17 -28.71
CA TRP A 108 7.25 -3.85 -29.09
C TRP A 108 7.64 -3.02 -27.87
N SER A 109 6.84 -3.07 -26.82
CA SER A 109 7.09 -2.30 -25.60
C SER A 109 7.74 -3.25 -24.59
N LYS A 110 9.07 -3.29 -24.60
CA LYS A 110 9.80 -4.03 -23.59
C LYS A 110 9.72 -3.36 -22.22
N GLU A 111 9.25 -2.12 -22.16
CA GLU A 111 9.01 -1.46 -20.88
C GLU A 111 7.85 -2.12 -20.15
N VAL A 112 6.84 -2.59 -20.89
CA VAL A 112 5.72 -3.30 -20.28
C VAL A 112 6.18 -4.62 -19.70
N ILE A 113 7.06 -5.33 -20.40
CA ILE A 113 7.54 -6.62 -19.92
C ILE A 113 8.33 -6.45 -18.64
N ILE A 114 9.13 -5.38 -18.56
CA ILE A 114 9.90 -5.11 -17.35
C ILE A 114 8.97 -4.94 -16.16
N ILE A 115 7.82 -4.31 -16.38
CA ILE A 115 6.85 -4.15 -15.31
C ILE A 115 6.36 -5.51 -14.83
N LEU A 116 6.15 -6.44 -15.76
CA LEU A 116 5.63 -7.75 -15.40
C LEU A 116 6.68 -8.59 -14.68
N HIS A 117 7.94 -8.50 -15.11
CA HIS A 117 8.98 -9.35 -14.53
C HIS A 117 9.54 -8.75 -13.23
N GLU A 118 10.01 -7.50 -13.30
CA GLU A 118 10.65 -6.88 -12.14
C GLU A 118 9.62 -6.32 -11.17
N HIS A 119 8.66 -7.15 -10.77
CA HIS A 119 7.55 -6.65 -9.96
C HIS A 119 7.98 -6.32 -8.53
N ALA A 120 8.99 -7.02 -8.01
CA ALA A 120 9.46 -6.81 -6.65
C ALA A 120 10.87 -6.23 -6.60
N THR A 121 11.32 -5.61 -7.69
CA THR A 121 12.67 -5.04 -7.72
C THR A 121 12.70 -3.69 -7.02
N LEU A 122 11.72 -2.83 -7.28
CA LEU A 122 11.69 -1.51 -6.66
C LEU A 122 11.31 -1.62 -5.18
N THR A 123 11.53 -0.53 -4.46
CA THR A 123 11.25 -0.48 -3.04
C THR A 123 10.83 0.94 -2.67
N GLY A 124 10.48 1.13 -1.41
CA GLY A 124 10.16 2.46 -0.91
C GLY A 124 9.03 3.09 -1.67
N GLU A 125 9.18 4.39 -1.96
CA GLU A 125 8.11 5.16 -2.58
C GLU A 125 8.00 4.89 -4.07
N THR A 126 9.10 4.55 -4.73
CA THR A 126 9.06 4.31 -6.17
C THR A 126 8.22 3.08 -6.50
N ARG A 127 8.17 2.10 -5.61
CA ARG A 127 7.34 0.92 -5.84
C ARG A 127 5.89 1.20 -5.51
N ALA A 128 5.63 1.80 -4.34
CA ALA A 128 4.27 2.17 -3.98
C ALA A 128 3.63 3.04 -5.06
N PHE A 129 4.44 3.81 -5.80
CA PHE A 129 3.92 4.60 -6.91
C PHE A 129 3.49 3.71 -8.06
N ILE A 130 4.40 2.83 -8.52
CA ILE A 130 4.08 1.94 -9.64
C ILE A 130 3.01 0.94 -9.24
N ASP A 131 3.06 0.45 -8.00
CA ASP A 131 2.06 -0.50 -7.55
C ASP A 131 0.68 0.14 -7.46
N ALA A 132 0.63 1.45 -7.23
CA ALA A 132 -0.65 2.15 -7.14
C ALA A 132 -1.27 2.38 -8.51
N ARG A 133 -0.45 2.54 -9.55
CA ARG A 133 -0.99 2.61 -10.89
C ARG A 133 -1.40 1.23 -11.40
N LYS A 134 -0.64 0.20 -11.01
CA LYS A 134 -1.04 -1.17 -11.32
C LYS A 134 -2.41 -1.47 -10.74
N LYS A 135 -2.66 -1.05 -9.50
CA LYS A 135 -3.93 -1.35 -8.85
C LYS A 135 -5.10 -0.65 -9.50
N LYS A 136 -4.87 0.40 -10.28
CA LYS A 136 -5.94 1.01 -11.05
C LYS A 136 -6.46 0.06 -12.12
N TYR A 137 -5.68 -0.95 -12.49
CA TYR A 137 -6.08 -1.90 -13.52
C TYR A 137 -6.86 -3.08 -12.96
N VAL A 138 -6.59 -3.47 -11.71
CA VAL A 138 -7.37 -4.53 -11.09
C VAL A 138 -8.73 -4.01 -10.66
N ASP A 139 -8.79 -2.77 -10.16
CA ASP A 139 -10.06 -2.15 -9.83
C ASP A 139 -10.94 -2.03 -11.06
N PHE A 140 -10.33 -1.74 -12.21
CA PHE A 140 -11.08 -1.67 -13.47
C PHE A 140 -11.66 -3.04 -13.83
N LEU A 141 -10.85 -4.09 -13.69
CA LEU A 141 -11.34 -5.43 -14.02
C LEU A 141 -12.36 -5.92 -13.01
N GLU A 142 -12.09 -5.68 -11.71
CA GLU A 142 -13.06 -6.08 -10.69
C GLU A 142 -14.43 -5.48 -10.95
N GLU A 143 -14.47 -4.24 -11.45
CA GLU A 143 -15.74 -3.60 -11.74
C GLU A 143 -16.48 -4.32 -12.85
N ALA A 144 -15.84 -4.47 -14.01
CA ALA A 144 -16.47 -5.16 -15.13
C ALA A 144 -16.84 -6.59 -14.77
N PHE A 145 -16.05 -7.24 -13.91
CA PHE A 145 -16.40 -8.58 -13.44
C PHE A 145 -17.52 -8.56 -12.42
N SER A 146 -17.71 -7.44 -11.72
CA SER A 146 -18.85 -7.31 -10.82
C SER A 146 -20.10 -6.91 -11.58
N GLN A 147 -19.99 -5.98 -12.53
CA GLN A 147 -21.12 -5.62 -13.36
C GLN A 147 -21.60 -6.79 -14.19
N ALA A 148 -20.67 -7.54 -14.78
CA ALA A 148 -21.04 -8.64 -15.66
C ALA A 148 -21.74 -9.76 -14.89
N SER A 149 -21.39 -9.96 -13.63
CA SER A 149 -22.06 -10.99 -12.84
C SER A 149 -23.47 -10.55 -12.45
N GLN A 150 -23.63 -9.29 -12.03
CA GLN A 150 -24.96 -8.78 -11.71
C GLN A 150 -25.87 -8.82 -12.92
N GLN A 151 -25.36 -8.39 -14.08
CA GLN A 151 -26.16 -8.38 -15.30
C GLN A 151 -26.29 -9.76 -15.94
N GLY A 152 -25.76 -10.80 -15.30
CA GLY A 152 -25.93 -12.16 -15.80
C GLY A 152 -25.28 -12.43 -17.14
N LEU A 153 -24.32 -11.61 -17.56
CA LEU A 153 -23.62 -11.84 -18.81
C LEU A 153 -22.52 -12.89 -18.69
N ILE A 154 -22.12 -13.24 -17.47
CA ILE A 154 -21.15 -14.30 -17.22
C ILE A 154 -21.58 -15.04 -15.96
N ARG A 155 -21.04 -16.24 -15.79
CA ARG A 155 -21.34 -17.00 -14.59
C ARG A 155 -20.86 -16.24 -13.36
N PRO A 156 -21.58 -16.34 -12.24
CA PRO A 156 -21.16 -15.62 -11.04
C PRO A 156 -19.74 -15.98 -10.63
N VAL A 157 -19.01 -14.99 -10.12
CA VAL A 157 -17.64 -15.18 -9.66
C VAL A 157 -17.22 -13.98 -8.84
N ASP A 158 -16.37 -14.21 -7.84
CA ASP A 158 -15.83 -13.09 -7.07
C ASP A 158 -15.04 -12.17 -8.00
N PRO A 159 -15.25 -10.86 -7.93
CA PRO A 159 -14.53 -9.97 -8.87
C PRO A 159 -13.02 -10.09 -8.78
N THR A 160 -12.46 -10.33 -7.59
CA THR A 160 -11.02 -10.43 -7.46
C THR A 160 -10.50 -11.70 -8.12
N VAL A 161 -11.17 -12.84 -7.89
CA VAL A 161 -10.76 -14.09 -8.52
C VAL A 161 -10.85 -13.98 -10.03
N GLY A 162 -11.80 -13.19 -10.53
CA GLY A 162 -11.96 -13.02 -11.96
C GLY A 162 -10.90 -12.10 -12.54
N ALA A 163 -10.52 -11.08 -11.79
CA ALA A 163 -9.52 -10.13 -12.28
C ALA A 163 -8.16 -10.79 -12.40
N PHE A 164 -7.76 -11.58 -11.41
CA PHE A 164 -6.45 -12.21 -11.44
C PHE A 164 -6.43 -13.48 -12.28
N SER A 165 -7.60 -14.05 -12.59
CA SER A 165 -7.67 -15.07 -13.64
C SER A 165 -7.54 -14.42 -15.00
N PHE A 166 -8.18 -13.27 -15.19
CA PHE A 166 -7.97 -12.48 -16.41
C PHE A 166 -6.50 -12.14 -16.58
N LEU A 167 -5.86 -11.66 -15.52
CA LEU A 167 -4.47 -11.22 -15.62
C LEU A 167 -3.53 -12.41 -15.75
N GLY A 168 -3.79 -13.49 -15.01
CA GLY A 168 -2.97 -14.68 -15.10
C GLY A 168 -2.81 -15.17 -16.52
N MET A 169 -3.93 -15.47 -17.17
CA MET A 169 -3.88 -15.93 -18.56
C MET A 169 -3.13 -14.94 -19.44
N VAL A 170 -3.46 -13.66 -19.31
CA VAL A 170 -3.00 -12.66 -20.27
C VAL A 170 -1.52 -12.33 -20.03
N LEU A 171 -1.16 -12.06 -18.78
CA LEU A 171 0.17 -11.53 -18.50
C LEU A 171 1.23 -12.63 -18.49
N TRP A 172 0.86 -13.86 -18.13
CA TRP A 172 1.81 -14.97 -18.13
C TRP A 172 2.35 -15.25 -19.51
N ILE A 173 1.70 -14.74 -20.56
CA ILE A 173 2.13 -14.99 -21.94
C ILE A 173 3.60 -14.63 -22.12
N TYR A 174 4.10 -13.66 -21.38
CA TYR A 174 5.47 -13.18 -21.59
C TYR A 174 6.51 -14.20 -21.16
N LYS A 175 6.12 -15.31 -20.53
CA LYS A 175 7.06 -16.31 -20.07
C LYS A 175 7.18 -17.50 -20.99
N TRP A 176 6.34 -17.62 -22.02
CA TRP A 176 6.37 -18.78 -22.90
C TRP A 176 6.13 -18.47 -24.37
N PHE A 177 5.51 -17.36 -24.73
CA PHE A 177 5.14 -17.13 -26.11
C PHE A 177 6.35 -16.88 -26.98
N LYS A 178 6.36 -17.51 -28.16
CA LYS A 178 7.36 -17.28 -29.18
C LYS A 178 6.62 -16.95 -30.47
N PRO A 179 6.94 -15.84 -31.15
CA PRO A 179 6.18 -15.49 -32.36
C PRO A 179 6.29 -16.53 -33.46
N ASP A 180 7.26 -17.44 -33.39
CA ASP A 180 7.46 -18.45 -34.42
C ASP A 180 6.96 -19.82 -33.99
N GLY A 181 5.98 -19.87 -33.10
CA GLY A 181 5.29 -21.10 -32.77
C GLY A 181 4.20 -21.40 -33.76
N ARG A 182 3.40 -22.41 -33.43
CA ARG A 182 2.35 -22.84 -34.36
C ARG A 182 1.12 -21.95 -34.31
N LEU A 183 0.85 -21.31 -33.17
CA LEU A 183 -0.30 -20.43 -33.02
C LEU A 183 0.12 -18.98 -33.15
N THR A 184 -0.73 -18.20 -33.82
CA THR A 184 -0.54 -16.75 -33.91
C THR A 184 -1.04 -16.09 -32.62
N ASP A 185 -0.63 -14.83 -32.44
CA ASP A 185 -1.11 -14.09 -31.29
C ASP A 185 -2.61 -13.87 -31.36
N GLU A 186 -3.17 -13.84 -32.58
CA GLU A 186 -4.62 -13.75 -32.73
C GLU A 186 -5.31 -15.02 -32.26
N GLN A 187 -4.79 -16.18 -32.68
CA GLN A 187 -5.39 -17.45 -32.27
C GLN A 187 -5.34 -17.64 -30.77
N ILE A 188 -4.30 -17.13 -30.10
CA ILE A 188 -4.23 -17.23 -28.65
C ILE A 188 -5.30 -16.33 -28.02
N ALA A 189 -5.57 -15.18 -28.63
CA ALA A 189 -6.60 -14.29 -28.11
C ALA A 189 -7.98 -14.92 -28.22
N ASP A 190 -8.31 -15.43 -29.40
CA ASP A 190 -9.62 -16.05 -29.60
C ASP A 190 -9.84 -17.18 -28.61
N GLY A 191 -8.85 -18.04 -28.44
CA GLY A 191 -9.02 -19.19 -27.56
C GLY A 191 -9.12 -18.81 -26.09
N MET A 192 -8.35 -17.80 -25.68
CA MET A 192 -8.38 -17.37 -24.28
C MET A 192 -9.66 -16.62 -23.97
N VAL A 193 -10.10 -15.75 -24.89
CA VAL A 193 -11.38 -15.06 -24.70
C VAL A 193 -12.51 -16.06 -24.65
N GLY A 194 -12.67 -16.85 -25.72
CA GLY A 194 -13.74 -17.82 -25.79
C GLY A 194 -13.75 -18.82 -24.65
N MET A 195 -12.65 -18.96 -23.93
CA MET A 195 -12.58 -19.91 -22.82
C MET A 195 -13.03 -19.33 -21.50
N LEU A 196 -12.88 -18.01 -21.32
CA LEU A 196 -13.30 -17.35 -20.10
C LEU A 196 -14.54 -16.48 -20.29
N PHE A 197 -14.77 -15.97 -21.50
CA PHE A 197 -15.95 -15.17 -21.81
C PHE A 197 -16.67 -15.78 -23.00
N PRO A 198 -17.19 -17.00 -22.86
CA PRO A 198 -17.92 -17.63 -23.96
C PRO A 198 -19.31 -17.03 -24.08
N PRO A 199 -19.96 -17.15 -25.24
CA PRO A 199 -21.35 -16.73 -25.35
C PRO A 199 -22.21 -17.40 -24.28
N PHE A 200 -22.92 -16.57 -23.53
CA PHE A 200 -23.68 -17.05 -22.37
C PHE A 200 -25.10 -16.50 -22.36
N ARG B 17 21.75 -32.08 5.37
CA ARG B 17 23.12 -31.66 5.14
C ARG B 17 23.22 -30.86 3.84
N TYR B 18 23.22 -31.57 2.71
CA TYR B 18 23.31 -30.92 1.42
C TYR B 18 22.05 -30.12 1.11
N ARG B 19 20.90 -30.79 1.06
CA ARG B 19 19.64 -30.10 0.79
C ARG B 19 19.26 -29.11 1.89
N ALA B 20 19.92 -29.17 3.06
CA ALA B 20 19.74 -28.14 4.07
C ALA B 20 20.41 -26.82 3.66
N ILE B 21 21.34 -26.87 2.72
CA ILE B 21 21.94 -25.64 2.19
C ILE B 21 21.04 -25.02 1.13
N LEU B 22 20.58 -25.84 0.17
CA LEU B 22 19.63 -25.34 -0.83
C LEU B 22 18.43 -24.70 -0.15
N GLU B 23 17.97 -25.29 0.96
CA GLU B 23 16.90 -24.68 1.74
C GLU B 23 17.26 -23.26 2.14
N THR B 24 18.53 -23.01 2.45
CA THR B 24 18.98 -21.69 2.88
C THR B 24 19.29 -20.76 1.71
N ALA B 25 19.92 -21.30 0.66
CA ALA B 25 20.20 -20.47 -0.51
C ALA B 25 18.93 -20.11 -1.26
N ALA B 26 17.92 -21.00 -1.23
CA ALA B 26 16.66 -20.70 -1.91
C ALA B 26 15.93 -19.56 -1.23
N ARG B 27 15.99 -19.49 0.10
CA ARG B 27 15.33 -18.41 0.82
C ARG B 27 15.89 -17.05 0.42
N LEU B 28 17.21 -16.95 0.24
CA LEU B 28 17.82 -15.69 -0.11
C LEU B 28 17.66 -15.39 -1.59
N ILE B 29 17.94 -16.36 -2.45
CA ILE B 29 17.79 -16.18 -3.89
C ILE B 29 16.36 -15.80 -4.24
N CYS B 30 15.40 -16.12 -3.38
CA CYS B 30 14.01 -15.80 -3.64
C CYS B 30 13.65 -14.38 -3.22
N ASP B 31 14.15 -13.94 -2.07
CA ASP B 31 13.83 -12.60 -1.57
C ASP B 31 14.54 -11.51 -2.37
N ARG B 32 15.80 -11.75 -2.74
CA ARG B 32 16.63 -10.73 -3.38
C ARG B 32 16.94 -11.04 -4.83
N GLY B 33 16.53 -12.19 -5.35
CA GLY B 33 16.82 -12.55 -6.72
C GLY B 33 18.17 -13.21 -6.88
N TYR B 34 18.31 -13.93 -7.99
CA TYR B 34 19.56 -14.64 -8.26
C TYR B 34 20.73 -13.67 -8.38
N GLU B 35 20.64 -12.75 -9.35
CA GLU B 35 21.72 -11.79 -9.58
C GLU B 35 21.92 -10.85 -8.40
N GLY B 36 20.92 -10.68 -7.55
CA GLY B 36 21.02 -9.75 -6.44
C GLY B 36 21.57 -10.37 -5.18
N THR B 37 21.51 -11.69 -5.09
CA THR B 37 22.09 -12.41 -3.97
C THR B 37 23.52 -12.78 -4.28
N SER B 38 24.39 -12.65 -3.29
CA SER B 38 25.81 -12.92 -3.45
C SER B 38 26.21 -14.17 -2.69
N MET B 39 27.27 -14.83 -3.18
CA MET B 39 27.78 -16.02 -2.50
C MET B 39 28.32 -15.70 -1.12
N GLN B 40 28.59 -14.43 -0.83
CA GLN B 40 29.04 -14.05 0.51
C GLN B 40 27.91 -14.15 1.52
N GLU B 41 26.81 -13.41 1.27
CA GLU B 41 25.70 -13.41 2.21
C GLU B 41 24.94 -14.73 2.22
N ILE B 42 25.14 -15.60 1.23
CA ILE B 42 24.62 -16.97 1.32
C ILE B 42 25.43 -17.77 2.33
N ALA B 43 26.75 -17.79 2.16
CA ALA B 43 27.61 -18.50 3.10
C ALA B 43 27.46 -17.94 4.51
N ALA B 44 27.38 -16.61 4.63
CA ALA B 44 27.15 -16.01 5.93
C ALA B 44 25.85 -16.51 6.56
N ALA B 45 24.83 -16.75 5.72
CA ALA B 45 23.60 -17.33 6.23
C ALA B 45 23.78 -18.81 6.57
N CYS B 46 24.60 -19.52 5.80
CA CYS B 46 24.93 -20.91 6.09
C CYS B 46 26.03 -21.05 7.14
N ARG B 47 26.49 -19.93 7.72
CA ARG B 47 27.45 -19.94 8.83
C ARG B 47 28.86 -20.28 8.39
N MET B 48 29.17 -20.14 7.10
CA MET B 48 30.47 -20.48 6.57
C MET B 48 31.14 -19.23 6.00
N THR B 49 32.26 -19.44 5.30
CA THR B 49 32.92 -18.41 4.52
C THR B 49 32.71 -18.69 3.04
N LYS B 50 32.96 -17.67 2.22
CA LYS B 50 32.78 -17.81 0.78
C LYS B 50 33.49 -19.05 0.25
N ALA B 51 34.69 -19.33 0.77
CA ALA B 51 35.44 -20.48 0.29
C ALA B 51 34.82 -21.79 0.75
N GLY B 52 34.45 -21.87 2.04
CA GLY B 52 33.86 -23.09 2.55
C GLY B 52 32.61 -23.50 1.80
N LEU B 53 31.82 -22.53 1.35
CA LEU B 53 30.58 -22.84 0.65
C LEU B 53 30.86 -23.56 -0.67
N TYR B 54 31.96 -23.20 -1.34
CA TYR B 54 32.28 -23.81 -2.63
C TYR B 54 32.73 -25.26 -2.51
N HIS B 55 32.94 -25.76 -1.30
CA HIS B 55 33.29 -27.17 -1.13
C HIS B 55 32.10 -28.06 -1.42
N HIS B 56 30.90 -27.63 -1.05
CA HIS B 56 29.70 -28.44 -1.23
C HIS B 56 29.08 -28.28 -2.61
N ILE B 57 29.18 -27.10 -3.23
CA ILE B 57 28.60 -26.84 -4.54
C ILE B 57 29.70 -26.29 -5.45
N GLN B 58 29.58 -26.62 -6.74
CA GLN B 58 30.62 -26.25 -7.70
C GLN B 58 30.69 -24.73 -7.85
N ASN B 59 29.58 -24.10 -8.21
CA ASN B 59 29.57 -22.67 -8.49
C ASN B 59 28.14 -22.17 -8.36
N LYS B 60 27.97 -20.86 -8.54
CA LYS B 60 26.67 -20.23 -8.34
C LYS B 60 25.63 -20.74 -9.33
N GLU B 61 26.04 -21.03 -10.56
CA GLU B 61 25.09 -21.55 -11.55
C GLU B 61 24.59 -22.94 -11.15
N GLN B 62 25.50 -23.82 -10.77
CA GLN B 62 25.11 -25.14 -10.32
C GLN B 62 24.28 -25.08 -9.04
N LEU B 63 24.42 -24.00 -8.27
CA LEU B 63 23.59 -23.84 -7.08
C LEU B 63 22.14 -23.57 -7.45
N LEU B 64 21.91 -22.73 -8.47
CA LEU B 64 20.54 -22.47 -8.91
C LEU B 64 19.95 -23.69 -9.59
N PHE B 65 20.73 -24.36 -10.43
CA PHE B 65 20.27 -25.59 -11.07
C PHE B 65 19.82 -26.61 -10.04
N ALA B 66 20.62 -26.80 -8.97
CA ALA B 66 20.23 -27.72 -7.92
C ALA B 66 18.92 -27.30 -7.28
N ILE B 67 18.77 -26.00 -6.98
CA ILE B 67 17.55 -25.50 -6.35
C ILE B 67 16.35 -25.75 -7.26
N MET B 68 16.51 -25.50 -8.56
CA MET B 68 15.39 -25.66 -9.47
C MET B 68 15.10 -27.13 -9.78
N ASN B 69 16.07 -28.03 -9.58
CA ASN B 69 15.78 -29.45 -9.66
C ASN B 69 15.09 -29.93 -8.39
N TYR B 70 15.62 -29.55 -7.23
CA TYR B 70 14.97 -29.86 -5.97
C TYR B 70 13.57 -29.27 -5.90
N GLY B 71 13.26 -28.26 -6.70
CA GLY B 71 11.93 -27.72 -6.76
C GLY B 71 11.00 -28.56 -7.61
N MET B 72 11.46 -29.00 -8.78
CA MET B 72 10.64 -29.86 -9.62
C MET B 72 10.38 -31.20 -8.93
N ASP B 73 11.29 -31.65 -8.07
CA ASP B 73 11.05 -32.86 -7.31
C ASP B 73 9.89 -32.65 -6.34
N LEU B 74 9.89 -31.53 -5.62
CA LEU B 74 8.81 -31.24 -4.69
C LEU B 74 7.50 -31.01 -5.43
N PHE B 75 7.56 -30.39 -6.62
CA PHE B 75 6.35 -30.16 -7.40
C PHE B 75 5.72 -31.48 -7.81
N GLU B 76 6.48 -32.34 -8.48
CA GLU B 76 5.94 -33.62 -8.94
C GLU B 76 5.45 -34.47 -7.77
N GLU B 77 6.02 -34.29 -6.58
CA GLU B 77 5.62 -35.09 -5.44
C GLU B 77 4.26 -34.65 -4.91
N GLN B 78 3.99 -33.35 -4.91
CA GLN B 78 2.79 -32.80 -4.27
C GLN B 78 1.72 -32.37 -5.25
N VAL B 79 1.91 -32.61 -6.55
CA VAL B 79 0.90 -32.24 -7.54
C VAL B 79 0.69 -33.39 -8.51
N LEU B 80 1.64 -33.58 -9.44
CA LEU B 80 1.47 -34.58 -10.48
C LEU B 80 1.24 -35.96 -9.88
N SER B 81 2.06 -36.35 -8.89
CA SER B 81 1.93 -37.69 -8.33
C SER B 81 0.55 -37.91 -7.72
N ARG B 82 -0.13 -36.85 -7.31
CA ARG B 82 -1.43 -36.97 -6.69
C ARG B 82 -2.58 -37.04 -7.70
N VAL B 83 -2.35 -36.63 -8.95
CA VAL B 83 -3.42 -36.49 -9.92
C VAL B 83 -3.15 -37.23 -11.22
N GLN B 84 -1.98 -37.86 -11.37
CA GLN B 84 -1.65 -38.53 -12.63
C GLN B 84 -2.46 -39.80 -12.85
N ASP B 85 -3.17 -40.29 -11.84
CA ASP B 85 -3.91 -41.54 -11.92
C ASP B 85 -5.41 -41.29 -11.77
N ILE B 86 -5.93 -40.27 -12.43
CA ILE B 86 -7.35 -39.95 -12.44
C ILE B 86 -7.87 -40.17 -13.85
N ALA B 87 -8.91 -40.99 -13.97
CA ALA B 87 -9.40 -41.40 -15.28
C ALA B 87 -10.07 -40.24 -16.01
N ASN B 88 -10.97 -39.54 -15.34
CA ASN B 88 -11.71 -38.46 -15.98
C ASN B 88 -10.77 -37.28 -16.23
N PRO B 89 -10.58 -36.84 -17.48
CA PRO B 89 -9.60 -35.77 -17.72
C PRO B 89 -9.97 -34.47 -17.03
N VAL B 90 -11.24 -34.08 -17.04
CA VAL B 90 -11.62 -32.81 -16.41
C VAL B 90 -11.49 -32.91 -14.90
N GLU B 91 -11.85 -34.06 -14.32
CA GLU B 91 -11.65 -34.25 -12.89
C GLU B 91 -10.16 -34.21 -12.54
N ARG B 92 -9.30 -34.62 -13.48
CA ARG B 92 -7.86 -34.58 -13.24
C ARG B 92 -7.34 -33.15 -13.27
N LEU B 93 -7.88 -32.32 -14.16
CA LEU B 93 -7.48 -30.92 -14.23
C LEU B 93 -7.92 -30.15 -12.99
N ARG B 94 -9.14 -30.42 -12.49
CA ARG B 94 -9.61 -29.73 -11.30
C ARG B 94 -8.68 -29.98 -10.12
N ALA B 95 -8.36 -31.25 -9.86
CA ALA B 95 -7.47 -31.56 -8.74
C ALA B 95 -6.08 -30.99 -8.96
N CYS B 96 -5.59 -31.03 -10.20
CA CYS B 96 -4.27 -30.49 -10.49
C CYS B 96 -4.23 -28.99 -10.22
N MET B 97 -5.29 -28.27 -10.60
CA MET B 97 -5.35 -26.84 -10.33
C MET B 97 -5.38 -26.58 -8.84
N ARG B 98 -6.17 -27.34 -8.09
CA ARG B 98 -6.30 -27.10 -6.65
C ARG B 98 -4.98 -27.38 -5.94
N HIS B 99 -4.26 -28.42 -6.36
CA HIS B 99 -2.99 -28.74 -5.72
C HIS B 99 -1.91 -27.74 -6.10
N ASN B 100 -1.87 -27.31 -7.37
CA ASN B 100 -0.86 -26.37 -7.80
C ASN B 100 -1.02 -25.03 -7.09
N ILE B 101 -2.26 -24.57 -6.93
CA ILE B 101 -2.51 -23.28 -6.30
C ILE B 101 -2.04 -23.30 -4.85
N LEU B 102 -2.32 -24.39 -4.13
CA LEU B 102 -1.89 -24.48 -2.74
C LEU B 102 -0.38 -24.54 -2.62
N LEU B 103 0.30 -25.11 -3.62
CA LEU B 103 1.76 -25.15 -3.58
C LEU B 103 2.35 -23.75 -3.61
N VAL B 104 1.74 -22.85 -4.38
CA VAL B 104 2.24 -21.47 -4.46
C VAL B 104 1.79 -20.67 -3.24
N THR B 105 0.52 -20.80 -2.85
CA THR B 105 -0.01 -19.95 -1.79
C THR B 105 0.56 -20.32 -0.43
N ARG B 106 0.64 -21.61 -0.13
CA ARG B 106 1.14 -22.03 1.19
C ARG B 106 2.59 -21.61 1.42
N GLY B 107 3.35 -21.40 0.35
CA GLY B 107 4.75 -21.05 0.50
C GLY B 107 5.59 -22.13 1.12
N TRP B 108 5.18 -23.40 0.96
CA TRP B 108 5.92 -24.50 1.58
C TRP B 108 7.30 -24.66 0.96
N SER B 109 7.48 -24.22 -0.29
CA SER B 109 8.74 -24.40 -1.01
C SER B 109 9.07 -23.13 -1.76
N LYS B 110 10.17 -22.48 -1.36
CA LYS B 110 10.68 -21.34 -2.09
C LYS B 110 11.48 -21.75 -3.32
N GLU B 111 11.84 -23.03 -3.45
CA GLU B 111 12.48 -23.51 -4.67
C GLU B 111 11.52 -23.49 -5.84
N VAL B 112 10.21 -23.60 -5.57
CA VAL B 112 9.21 -23.57 -6.63
C VAL B 112 9.03 -22.15 -7.16
N ILE B 113 9.06 -21.17 -6.26
CA ILE B 113 8.91 -19.78 -6.68
C ILE B 113 10.11 -19.34 -7.50
N ILE B 114 11.30 -19.86 -7.18
CA ILE B 114 12.49 -19.55 -7.97
C ILE B 114 12.32 -20.08 -9.39
N ILE B 115 11.69 -21.25 -9.53
CA ILE B 115 11.50 -21.82 -10.86
C ILE B 115 10.57 -20.93 -11.68
N LEU B 116 9.60 -20.27 -11.04
CA LEU B 116 8.66 -19.43 -11.76
C LEU B 116 9.26 -18.07 -12.10
N HIS B 117 10.14 -17.55 -11.25
CA HIS B 117 10.70 -16.22 -11.44
C HIS B 117 11.95 -16.24 -12.30
N GLU B 118 12.86 -17.18 -12.06
CA GLU B 118 14.12 -17.27 -12.81
C GLU B 118 13.96 -18.10 -14.08
N HIS B 119 12.84 -17.98 -14.77
CA HIS B 119 12.54 -18.85 -15.90
C HIS B 119 13.51 -18.67 -17.06
N ALA B 120 14.29 -17.58 -17.08
CA ALA B 120 15.23 -17.34 -18.16
C ALA B 120 16.63 -17.03 -17.63
N THR B 121 16.93 -17.41 -16.40
CA THR B 121 18.24 -17.12 -15.80
C THR B 121 19.29 -18.14 -16.22
N LEU B 122 18.91 -19.41 -16.29
CA LEU B 122 19.86 -20.46 -16.62
C LEU B 122 20.16 -20.46 -18.12
N THR B 123 21.25 -21.13 -18.47
CA THR B 123 21.69 -21.22 -19.85
C THR B 123 22.36 -22.58 -20.08
N GLY B 124 22.32 -23.03 -21.32
CA GLY B 124 23.14 -24.17 -21.74
C GLY B 124 22.46 -25.49 -21.43
N GLU B 125 23.20 -26.40 -20.80
CA GLU B 125 22.67 -27.73 -20.48
C GLU B 125 21.79 -27.67 -19.24
N THR B 126 22.14 -26.83 -18.27
CA THR B 126 21.30 -26.66 -17.10
C THR B 126 19.93 -26.09 -17.49
N ARG B 127 19.91 -25.14 -18.42
CA ARG B 127 18.65 -24.58 -18.89
C ARG B 127 17.81 -25.64 -19.59
N ALA B 128 18.42 -26.35 -20.55
CA ALA B 128 17.68 -27.35 -21.32
C ALA B 128 17.18 -28.50 -20.46
N PHE B 129 17.79 -28.74 -19.31
CA PHE B 129 17.39 -29.86 -18.47
C PHE B 129 16.13 -29.54 -17.68
N ILE B 130 16.10 -28.37 -17.03
CA ILE B 130 14.89 -27.95 -16.33
C ILE B 130 13.77 -27.67 -17.32
N ASP B 131 14.09 -27.02 -18.44
CA ASP B 131 13.07 -26.75 -19.45
C ASP B 131 12.39 -28.03 -19.92
N ALA B 132 13.16 -29.11 -20.06
CA ALA B 132 12.57 -30.38 -20.48
C ALA B 132 11.67 -30.95 -19.38
N ARG B 133 11.96 -30.65 -18.12
CA ARG B 133 11.09 -31.07 -17.04
C ARG B 133 9.82 -30.23 -16.96
N LYS B 134 9.93 -28.94 -17.28
CA LYS B 134 8.74 -28.08 -17.31
C LYS B 134 7.80 -28.49 -18.43
N LYS B 135 8.33 -28.78 -19.62
CA LYS B 135 7.47 -29.15 -20.74
C LYS B 135 6.79 -30.49 -20.52
N LYS B 136 7.31 -31.32 -19.61
CA LYS B 136 6.59 -32.53 -19.24
C LYS B 136 5.29 -32.19 -18.52
N TYR B 137 5.28 -31.10 -17.77
CA TYR B 137 4.05 -30.65 -17.13
C TYR B 137 3.10 -30.01 -18.12
N VAL B 138 3.62 -29.31 -19.12
CA VAL B 138 2.78 -28.73 -20.16
C VAL B 138 2.11 -29.84 -20.97
N ASP B 139 2.89 -30.83 -21.41
CA ASP B 139 2.33 -31.93 -22.17
C ASP B 139 1.32 -32.71 -21.36
N PHE B 140 1.53 -32.81 -20.05
CA PHE B 140 0.51 -33.41 -19.18
C PHE B 140 -0.81 -32.65 -19.30
N LEU B 141 -0.74 -31.33 -19.30
CA LEU B 141 -1.95 -30.50 -19.39
C LEU B 141 -2.50 -30.49 -20.81
N GLU B 142 -1.64 -30.36 -21.82
CA GLU B 142 -2.10 -30.41 -23.20
C GLU B 142 -2.86 -31.70 -23.46
N GLU B 143 -2.44 -32.80 -22.86
CA GLU B 143 -3.12 -34.07 -23.07
C GLU B 143 -4.48 -34.08 -22.38
N ALA B 144 -4.54 -33.59 -21.14
CA ALA B 144 -5.81 -33.57 -20.41
C ALA B 144 -6.81 -32.63 -21.08
N PHE B 145 -6.34 -31.51 -21.63
CA PHE B 145 -7.24 -30.61 -22.34
C PHE B 145 -7.70 -31.20 -23.67
N SER B 146 -6.87 -32.04 -24.29
CA SER B 146 -7.26 -32.68 -25.53
C SER B 146 -8.23 -33.83 -25.29
N GLN B 147 -8.09 -34.52 -24.16
CA GLN B 147 -9.04 -35.59 -23.83
C GLN B 147 -10.40 -35.02 -23.48
N ALA B 148 -10.45 -34.15 -22.45
CA ALA B 148 -11.71 -33.55 -22.03
C ALA B 148 -12.43 -32.89 -23.22
N SER B 149 -11.70 -32.11 -24.01
CA SER B 149 -12.32 -31.39 -25.11
C SER B 149 -12.90 -32.35 -26.14
N GLN B 150 -12.32 -33.53 -26.30
CA GLN B 150 -12.82 -34.49 -27.29
C GLN B 150 -13.96 -35.33 -26.75
N GLN B 151 -13.91 -35.70 -25.46
CA GLN B 151 -14.99 -36.44 -24.84
C GLN B 151 -16.22 -35.58 -24.57
N GLY B 152 -16.19 -34.29 -24.92
CA GLY B 152 -17.31 -33.42 -24.67
C GLY B 152 -17.49 -33.03 -23.23
N LEU B 153 -16.41 -33.05 -22.44
CA LEU B 153 -16.47 -32.68 -21.04
C LEU B 153 -16.19 -31.21 -20.78
N ILE B 154 -15.72 -30.47 -21.79
CA ILE B 154 -15.51 -29.03 -21.69
C ILE B 154 -15.78 -28.42 -23.06
N ARG B 155 -16.01 -27.12 -23.07
CA ARG B 155 -16.16 -26.40 -24.33
C ARG B 155 -14.89 -26.60 -25.16
N PRO B 156 -15.02 -26.83 -26.47
CA PRO B 156 -13.82 -27.07 -27.28
C PRO B 156 -12.79 -25.97 -27.09
N VAL B 157 -11.52 -26.37 -27.04
CA VAL B 157 -10.42 -25.42 -26.86
C VAL B 157 -9.14 -26.10 -27.34
N ASP B 158 -8.24 -25.29 -27.89
CA ASP B 158 -6.94 -25.80 -28.29
C ASP B 158 -6.17 -26.25 -27.05
N PRO B 159 -5.57 -27.44 -27.05
CA PRO B 159 -4.92 -27.92 -25.82
C PRO B 159 -3.84 -27.00 -25.30
N THR B 160 -3.16 -26.26 -26.18
CA THR B 160 -2.12 -25.35 -25.73
C THR B 160 -2.72 -24.13 -25.04
N VAL B 161 -3.72 -23.51 -25.67
CA VAL B 161 -4.40 -22.37 -25.06
C VAL B 161 -4.88 -22.73 -23.66
N GLY B 162 -5.51 -23.89 -23.53
CA GLY B 162 -5.98 -24.32 -22.22
C GLY B 162 -4.86 -24.52 -21.23
N ALA B 163 -3.77 -25.15 -21.68
CA ALA B 163 -2.66 -25.46 -20.77
C ALA B 163 -2.05 -24.19 -20.20
N PHE B 164 -1.78 -23.20 -21.05
CA PHE B 164 -1.15 -21.97 -20.58
C PHE B 164 -2.13 -21.01 -19.94
N SER B 165 -3.42 -21.09 -20.31
CA SER B 165 -4.44 -20.40 -19.53
C SER B 165 -4.52 -21.00 -18.13
N PHE B 166 -4.56 -22.33 -18.06
CA PHE B 166 -4.44 -23.04 -16.79
C PHE B 166 -3.22 -22.56 -16.01
N LEU B 167 -2.05 -22.63 -16.64
CA LEU B 167 -0.81 -22.26 -15.97
C LEU B 167 -0.78 -20.78 -15.62
N GLY B 168 -1.30 -19.92 -16.50
CA GLY B 168 -1.30 -18.50 -16.22
C GLY B 168 -2.10 -18.15 -14.98
N MET B 169 -3.26 -18.78 -14.80
CA MET B 169 -4.09 -18.49 -13.64
C MET B 169 -3.38 -18.88 -12.34
N VAL B 170 -2.85 -20.10 -12.29
CA VAL B 170 -2.37 -20.65 -11.03
C VAL B 170 -0.96 -20.16 -10.71
N LEU B 171 -0.12 -20.00 -11.72
CA LEU B 171 1.28 -19.66 -11.49
C LEU B 171 1.52 -18.16 -11.35
N TRP B 172 0.65 -17.33 -11.93
CA TRP B 172 0.75 -15.89 -11.72
C TRP B 172 0.42 -15.49 -10.29
N ILE B 173 -0.01 -16.43 -9.46
CA ILE B 173 -0.41 -16.12 -8.09
C ILE B 173 0.77 -15.60 -7.28
N TYR B 174 1.97 -16.10 -7.53
CA TYR B 174 3.13 -15.75 -6.71
C TYR B 174 3.48 -14.27 -6.81
N LYS B 175 2.86 -13.52 -7.72
CA LYS B 175 3.15 -12.10 -7.85
C LYS B 175 2.23 -11.21 -7.02
N TRP B 176 1.04 -11.68 -6.66
CA TRP B 176 0.06 -10.83 -5.98
C TRP B 176 -0.50 -11.41 -4.69
N PHE B 177 -0.43 -12.71 -4.45
CA PHE B 177 -1.11 -13.30 -3.31
C PHE B 177 -0.38 -13.02 -2.01
N LYS B 178 -1.16 -12.86 -0.94
CA LYS B 178 -0.64 -12.69 0.41
C LYS B 178 -1.57 -13.45 1.35
N PRO B 179 -1.04 -14.25 2.28
CA PRO B 179 -1.92 -15.06 3.13
C PRO B 179 -2.88 -14.25 3.97
N ASP B 180 -2.50 -13.02 4.36
CA ASP B 180 -3.35 -12.19 5.21
C ASP B 180 -4.30 -11.31 4.41
N GLY B 181 -4.42 -11.55 3.11
CA GLY B 181 -5.33 -10.79 2.29
C GLY B 181 -6.78 -11.09 2.61
N ARG B 182 -7.66 -10.60 1.75
CA ARG B 182 -9.09 -10.76 1.96
C ARG B 182 -9.51 -12.22 1.88
N LEU B 183 -9.35 -12.82 0.70
CA LEU B 183 -9.71 -14.21 0.49
C LEU B 183 -8.62 -15.14 1.02
N THR B 184 -8.97 -16.41 1.15
CA THR B 184 -8.03 -17.47 1.48
C THR B 184 -7.66 -18.23 0.21
N ASP B 185 -6.52 -18.93 0.27
CA ASP B 185 -6.11 -19.75 -0.85
C ASP B 185 -7.18 -20.78 -1.22
N GLU B 186 -7.94 -21.24 -0.23
CA GLU B 186 -9.04 -22.14 -0.51
C GLU B 186 -10.09 -21.47 -1.39
N GLN B 187 -10.50 -20.26 -1.03
CA GLN B 187 -11.52 -19.57 -1.82
C GLN B 187 -11.04 -19.27 -3.23
N ILE B 188 -9.77 -18.88 -3.37
CA ILE B 188 -9.23 -18.60 -4.70
C ILE B 188 -9.23 -19.87 -5.55
N ALA B 189 -8.88 -21.01 -4.94
CA ALA B 189 -8.89 -22.26 -5.68
C ALA B 189 -10.28 -22.59 -6.18
N ASP B 190 -11.25 -22.66 -5.26
CA ASP B 190 -12.62 -22.98 -5.66
C ASP B 190 -13.12 -22.02 -6.74
N GLY B 191 -12.75 -20.75 -6.64
CA GLY B 191 -13.23 -19.78 -7.61
C GLY B 191 -12.64 -19.97 -8.99
N MET B 192 -11.34 -20.28 -9.04
CA MET B 192 -10.69 -20.47 -10.34
C MET B 192 -11.10 -21.79 -10.98
N VAL B 193 -11.24 -22.84 -10.17
CA VAL B 193 -11.66 -24.14 -10.72
C VAL B 193 -13.02 -24.02 -11.39
N GLY B 194 -13.99 -23.44 -10.69
CA GLY B 194 -15.31 -23.25 -11.27
C GLY B 194 -15.31 -22.28 -12.43
N MET B 195 -14.34 -21.35 -12.46
CA MET B 195 -14.31 -20.34 -13.50
C MET B 195 -13.80 -20.91 -14.82
N LEU B 196 -12.80 -21.79 -14.76
CA LEU B 196 -12.24 -22.40 -15.96
C LEU B 196 -12.82 -23.78 -16.27
N PHE B 197 -13.22 -24.53 -15.25
CA PHE B 197 -13.79 -25.86 -15.40
C PHE B 197 -15.16 -25.89 -14.72
N PRO B 198 -16.18 -25.34 -15.36
CA PRO B 198 -17.54 -25.42 -14.81
C PRO B 198 -18.24 -26.67 -15.30
N PRO B 199 -19.35 -27.06 -14.67
CA PRO B 199 -20.13 -28.18 -15.21
C PRO B 199 -20.65 -27.86 -16.59
N PHE B 200 -20.50 -28.83 -17.51
CA PHE B 200 -20.83 -28.62 -18.90
C PHE B 200 -21.81 -29.70 -19.40
N GLU C 16 14.74 28.79 -6.07
CA GLU C 16 14.22 28.92 -7.42
C GLU C 16 12.80 29.50 -7.38
N ARG C 17 12.35 30.01 -8.53
CA ARG C 17 10.98 30.49 -8.63
C ARG C 17 9.97 29.37 -8.35
N TYR C 18 10.37 28.12 -8.57
CA TYR C 18 9.49 26.99 -8.30
C TYR C 18 9.20 26.87 -6.81
N ARG C 19 10.24 26.79 -5.99
CA ARG C 19 10.07 26.68 -4.55
C ARG C 19 9.30 27.85 -3.96
N ALA C 20 9.28 29.00 -4.65
CA ALA C 20 8.53 30.15 -4.16
C ALA C 20 7.03 29.96 -4.35
N ILE C 21 6.63 29.21 -5.37
CA ILE C 21 5.20 28.95 -5.59
C ILE C 21 4.67 27.97 -4.57
N LEU C 22 5.50 27.00 -4.18
CA LEU C 22 5.06 26.00 -3.20
C LEU C 22 4.96 26.59 -1.80
N GLU C 23 5.88 27.50 -1.46
CA GLU C 23 5.86 28.09 -0.12
C GLU C 23 4.64 28.98 0.08
N THR C 24 4.28 29.76 -0.94
CA THR C 24 3.09 30.60 -0.84
C THR C 24 1.82 29.76 -0.93
N ALA C 25 1.75 28.87 -1.93
CA ALA C 25 0.59 28.00 -2.07
C ALA C 25 0.38 27.16 -0.81
N ALA C 26 1.45 26.85 -0.08
CA ALA C 26 1.31 26.11 1.16
C ALA C 26 0.69 26.97 2.25
N ARG C 27 1.11 28.24 2.34
CA ARG C 27 0.54 29.16 3.32
C ARG C 27 -0.97 29.22 3.19
N LEU C 28 -1.47 29.39 1.96
CA LEU C 28 -2.91 29.48 1.75
C LEU C 28 -3.60 28.17 2.06
N ILE C 29 -3.13 27.07 1.47
CA ILE C 29 -3.75 25.76 1.69
C ILE C 29 -3.76 25.43 3.17
N CYS C 30 -2.71 25.80 3.89
CA CYS C 30 -2.64 25.53 5.32
C CYS C 30 -3.63 26.36 6.11
N ASP C 31 -4.05 27.51 5.58
CA ASP C 31 -5.03 28.35 6.26
C ASP C 31 -6.47 28.00 5.86
N ARG C 32 -6.70 27.73 4.59
CA ARG C 32 -8.04 27.47 4.08
C ARG C 32 -8.30 26.02 3.73
N GLY C 33 -7.30 25.16 3.79
CA GLY C 33 -7.45 23.78 3.38
C GLY C 33 -7.27 23.61 1.88
N TYR C 34 -7.02 22.36 1.48
CA TYR C 34 -6.80 22.07 0.08
C TYR C 34 -8.08 22.29 -0.74
N GLU C 35 -9.19 21.66 -0.30
CA GLU C 35 -10.46 21.84 -0.98
C GLU C 35 -11.03 23.25 -0.79
N GLY C 36 -10.61 23.95 0.26
CA GLY C 36 -11.06 25.31 0.48
C GLY C 36 -10.32 26.37 -0.31
N THR C 37 -9.10 26.06 -0.75
CA THR C 37 -8.30 26.98 -1.55
C THR C 37 -8.57 26.77 -3.02
N SER C 38 -8.45 27.84 -3.79
CA SER C 38 -8.66 27.80 -5.23
C SER C 38 -7.40 28.24 -5.95
N MET C 39 -7.23 27.75 -7.18
CA MET C 39 -6.06 28.10 -7.97
C MET C 39 -6.01 29.59 -8.25
N GLN C 40 -7.17 30.24 -8.31
CA GLN C 40 -7.20 31.70 -8.45
C GLN C 40 -6.58 32.36 -7.23
N GLU C 41 -7.04 32.00 -6.03
CA GLU C 41 -6.47 32.56 -4.82
C GLU C 41 -4.98 32.32 -4.72
N ILE C 42 -4.50 31.20 -5.29
CA ILE C 42 -3.07 30.89 -5.26
C ILE C 42 -2.34 31.67 -6.35
N ALA C 43 -2.86 31.63 -7.58
CA ALA C 43 -2.22 32.36 -8.68
C ALA C 43 -2.08 33.84 -8.36
N ALA C 44 -3.05 34.40 -7.62
CA ALA C 44 -2.96 35.81 -7.24
C ALA C 44 -1.83 36.03 -6.24
N ALA C 45 -1.79 35.25 -5.17
CA ALA C 45 -0.74 35.39 -4.17
C ALA C 45 0.64 35.25 -4.79
N CYS C 46 0.75 34.53 -5.90
CA CYS C 46 2.01 34.37 -6.60
C CYS C 46 2.29 35.49 -7.59
N ARG C 47 1.42 36.52 -7.65
CA ARG C 47 1.57 37.59 -8.62
C ARG C 47 1.57 37.04 -10.04
N MET C 48 0.62 36.16 -10.33
CA MET C 48 0.49 35.52 -11.62
C MET C 48 -1.00 35.41 -11.96
N THR C 49 -1.28 34.78 -13.10
CA THR C 49 -2.64 34.46 -13.51
C THR C 49 -2.88 32.97 -13.36
N LYS C 50 -4.13 32.60 -13.14
CA LYS C 50 -4.50 31.18 -13.08
C LYS C 50 -3.85 30.40 -14.21
N ALA C 51 -4.00 30.90 -15.44
CA ALA C 51 -3.36 30.26 -16.58
C ALA C 51 -1.85 30.30 -16.48
N GLY C 52 -1.30 31.36 -15.88
CA GLY C 52 0.14 31.43 -15.70
C GLY C 52 0.65 30.46 -14.66
N LEU C 53 -0.18 30.12 -13.69
CA LEU C 53 0.23 29.16 -12.66
C LEU C 53 0.30 27.75 -13.22
N TYR C 54 -0.57 27.40 -14.15
CA TYR C 54 -0.56 26.08 -14.77
C TYR C 54 0.60 25.88 -15.73
N HIS C 55 1.43 26.91 -15.94
CA HIS C 55 2.62 26.74 -16.78
C HIS C 55 3.76 26.10 -16.01
N HIS C 56 3.81 26.29 -14.69
CA HIS C 56 4.86 25.70 -13.86
C HIS C 56 4.45 24.34 -13.33
N ILE C 57 3.31 24.28 -12.62
CA ILE C 57 2.77 23.01 -12.14
C ILE C 57 1.83 22.47 -13.20
N GLN C 58 1.46 21.20 -13.09
CA GLN C 58 0.57 20.57 -14.04
C GLN C 58 -0.90 20.75 -13.67
N ASN C 59 -1.24 20.61 -12.39
CA ASN C 59 -2.61 20.73 -11.93
C ASN C 59 -2.58 20.85 -10.41
N LYS C 60 -3.78 20.97 -9.82
CA LYS C 60 -3.87 21.21 -8.39
C LYS C 60 -3.41 20.01 -7.58
N GLU C 61 -3.62 18.79 -8.07
CA GLU C 61 -3.17 17.61 -7.36
C GLU C 61 -1.65 17.54 -7.31
N GLN C 62 -1.00 17.75 -8.45
CA GLN C 62 0.47 17.77 -8.47
C GLN C 62 1.01 18.90 -7.60
N LEU C 63 0.25 19.97 -7.43
CA LEU C 63 0.65 21.03 -6.52
C LEU C 63 0.74 20.52 -5.09
N LEU C 64 -0.36 19.92 -4.59
CA LEU C 64 -0.33 19.35 -3.25
C LEU C 64 0.76 18.28 -3.14
N PHE C 65 0.91 17.45 -4.18
CA PHE C 65 1.92 16.40 -4.15
C PHE C 65 3.32 17.01 -4.10
N ALA C 66 3.56 18.08 -4.85
CA ALA C 66 4.85 18.74 -4.82
C ALA C 66 5.09 19.44 -3.49
N ILE C 67 4.02 19.87 -2.81
CA ILE C 67 4.18 20.50 -1.51
C ILE C 67 4.55 19.45 -0.45
N MET C 68 3.92 18.29 -0.51
CA MET C 68 4.19 17.26 0.49
C MET C 68 5.58 16.67 0.31
N ASN C 69 6.02 16.49 -0.93
CA ASN C 69 7.40 16.08 -1.18
C ASN C 69 8.37 17.08 -0.57
N TYR C 70 8.29 18.34 -1.02
CA TYR C 70 9.13 19.39 -0.44
C TYR C 70 8.99 19.41 1.07
N GLY C 71 7.77 19.20 1.57
CA GLY C 71 7.59 19.13 3.01
C GLY C 71 8.40 18.01 3.65
N MET C 72 8.43 16.84 3.01
CA MET C 72 9.21 15.73 3.54
C MET C 72 10.71 16.01 3.46
N ASP C 73 11.17 16.49 2.30
CA ASP C 73 12.57 16.87 2.16
C ASP C 73 13.00 17.80 3.28
N LEU C 74 12.13 18.73 3.68
CA LEU C 74 12.43 19.62 4.79
C LEU C 74 12.47 18.84 6.11
N PHE C 75 11.43 18.05 6.37
CA PHE C 75 11.39 17.28 7.61
C PHE C 75 12.63 16.41 7.76
N GLU C 76 12.99 15.65 6.72
CA GLU C 76 14.15 14.78 6.78
C GLU C 76 15.43 15.57 7.00
N GLU C 77 15.43 16.87 6.73
CA GLU C 77 16.61 17.69 6.92
C GLU C 77 16.66 18.35 8.28
N GLN C 78 15.49 18.65 8.87
CA GLN C 78 15.43 19.38 10.14
C GLN C 78 15.30 18.46 11.34
N VAL C 79 15.01 17.17 11.15
CA VAL C 79 14.75 16.26 12.26
C VAL C 79 15.53 14.98 12.08
N LEU C 80 15.27 14.27 10.97
CA LEU C 80 15.86 12.94 10.79
C LEU C 80 17.38 13.03 10.64
N SER C 81 17.86 13.93 9.79
CA SER C 81 19.28 14.04 9.51
C SER C 81 20.09 14.45 10.74
N ARG C 82 19.44 14.89 11.81
CA ARG C 82 20.14 15.33 13.02
C ARG C 82 20.06 14.32 14.16
N VAL C 83 19.42 13.17 13.95
CA VAL C 83 19.28 12.18 15.01
C VAL C 83 19.58 10.78 14.48
N GLN C 84 19.71 10.66 13.16
CA GLN C 84 19.96 9.35 12.56
C GLN C 84 21.31 8.78 12.98
N ASP C 85 22.31 9.63 13.18
CA ASP C 85 23.65 9.18 13.50
C ASP C 85 23.83 8.85 14.98
N ILE C 86 22.89 9.23 15.85
CA ILE C 86 23.00 8.89 17.26
C ILE C 86 22.88 7.38 17.43
N ALA C 87 23.56 6.87 18.45
CA ALA C 87 23.60 5.43 18.72
C ALA C 87 22.65 5.03 19.84
N ASN C 88 22.72 5.70 20.99
CA ASN C 88 21.83 5.41 22.11
C ASN C 88 20.38 5.55 21.66
N PRO C 89 19.65 4.44 21.50
CA PRO C 89 18.29 4.56 20.95
C PRO C 89 17.39 5.55 21.68
N VAL C 90 17.37 5.52 23.01
CA VAL C 90 16.49 6.41 23.76
C VAL C 90 16.91 7.86 23.55
N GLU C 91 18.19 8.17 23.80
CA GLU C 91 18.67 9.53 23.56
C GLU C 91 18.42 9.94 22.12
N ARG C 92 18.42 8.99 21.19
CA ARG C 92 18.05 9.29 19.82
C ARG C 92 16.57 9.65 19.72
N LEU C 93 15.71 8.88 20.38
CA LEU C 93 14.29 9.20 20.39
C LEU C 93 14.03 10.55 21.05
N ARG C 94 14.66 10.80 22.20
CA ARG C 94 14.53 12.09 22.86
C ARG C 94 14.83 13.23 21.90
N ALA C 95 16.05 13.25 21.35
CA ALA C 95 16.43 14.30 20.43
C ALA C 95 15.47 14.38 19.25
N CYS C 96 14.95 13.24 18.80
CA CYS C 96 14.00 13.26 17.70
C CYS C 96 12.68 13.90 18.11
N MET C 97 12.23 13.64 19.34
CA MET C 97 10.97 14.21 19.80
C MET C 97 11.07 15.72 19.92
N ARG C 98 12.17 16.22 20.49
CA ARG C 98 12.32 17.67 20.64
C ARG C 98 12.43 18.36 19.29
N HIS C 99 13.24 17.82 18.39
CA HIS C 99 13.34 18.39 17.05
C HIS C 99 12.00 18.37 16.33
N ASN C 100 11.24 17.27 16.47
CA ASN C 100 9.98 17.15 15.77
C ASN C 100 8.91 18.03 16.42
N ILE C 101 8.94 18.17 17.75
CA ILE C 101 7.97 19.03 18.43
C ILE C 101 8.19 20.48 18.04
N LEU C 102 9.45 20.92 17.97
CA LEU C 102 9.74 22.30 17.62
C LEU C 102 9.57 22.56 16.12
N LEU C 103 9.60 21.52 15.30
CA LEU C 103 9.30 21.71 13.88
C LEU C 103 7.86 22.13 13.66
N VAL C 104 6.96 21.73 14.55
CA VAL C 104 5.54 22.05 14.42
C VAL C 104 5.21 23.38 15.09
N THR C 105 5.67 23.57 16.32
CA THR C 105 5.33 24.77 17.06
C THR C 105 5.95 26.00 16.41
N ARG C 106 7.24 25.93 16.07
CA ARG C 106 7.91 27.08 15.46
C ARG C 106 7.24 27.49 14.17
N GLY C 107 6.66 26.54 13.43
CA GLY C 107 5.90 26.87 12.24
C GLY C 107 6.71 27.51 11.14
N TRP C 108 8.00 27.20 11.04
CA TRP C 108 8.80 27.70 9.93
C TRP C 108 8.51 26.99 8.62
N SER C 109 7.73 25.91 8.65
CA SER C 109 7.39 25.17 7.44
C SER C 109 5.91 24.83 7.49
N LYS C 110 5.11 25.54 6.69
CA LYS C 110 3.70 25.21 6.53
C LYS C 110 3.49 24.02 5.61
N GLU C 111 4.55 23.55 4.95
CA GLU C 111 4.45 22.34 4.13
C GLU C 111 4.33 21.09 5.00
N VAL C 112 4.95 21.12 6.19
CA VAL C 112 4.86 19.98 7.09
C VAL C 112 3.47 19.88 7.69
N ILE C 113 2.78 21.01 7.84
CA ILE C 113 1.44 20.99 8.42
C ILE C 113 0.44 20.41 7.42
N ILE C 114 0.58 20.78 6.14
CA ILE C 114 -0.29 20.21 5.12
C ILE C 114 -0.15 18.71 5.07
N ILE C 115 1.03 18.18 5.38
CA ILE C 115 1.23 16.74 5.38
C ILE C 115 0.46 16.10 6.52
N LEU C 116 0.39 16.77 7.66
CA LEU C 116 -0.30 16.22 8.82
C LEU C 116 -1.81 16.31 8.68
N HIS C 117 -2.31 17.43 8.14
CA HIS C 117 -3.74 17.63 8.03
C HIS C 117 -4.32 16.90 6.83
N GLU C 118 -3.75 17.12 5.65
CA GLU C 118 -4.26 16.49 4.43
C GLU C 118 -3.74 15.07 4.30
N HIS C 119 -3.90 14.26 5.36
CA HIS C 119 -3.30 12.94 5.35
C HIS C 119 -3.94 12.02 4.31
N ALA C 120 -5.25 12.18 4.05
CA ALA C 120 -5.97 11.32 3.13
C ALA C 120 -6.53 12.10 1.94
N THR C 121 -5.98 13.27 1.66
CA THR C 121 -6.47 14.06 0.52
C THR C 121 -5.98 13.49 -0.79
N LEU C 122 -4.67 13.26 -0.91
CA LEU C 122 -4.13 12.64 -2.12
C LEU C 122 -4.73 11.26 -2.31
N THR C 123 -4.73 10.80 -3.55
CA THR C 123 -5.32 9.52 -3.90
C THR C 123 -4.47 8.81 -4.94
N GLY C 124 -4.53 7.48 -4.91
CA GLY C 124 -3.90 6.70 -5.96
C GLY C 124 -2.39 6.72 -5.85
N GLU C 125 -1.73 7.08 -6.95
CA GLU C 125 -0.29 6.97 -7.03
C GLU C 125 0.42 8.01 -6.17
N THR C 126 -0.09 9.25 -6.17
CA THR C 126 0.56 10.30 -5.39
C THR C 126 0.55 9.98 -3.91
N ARG C 127 -0.59 9.52 -3.38
CA ARG C 127 -0.67 9.20 -1.96
C ARG C 127 0.25 8.05 -1.61
N ALA C 128 0.21 6.97 -2.41
CA ALA C 128 1.10 5.84 -2.17
C ALA C 128 2.55 6.29 -2.10
N PHE C 129 2.91 7.30 -2.89
CA PHE C 129 4.26 7.82 -2.88
C PHE C 129 4.57 8.55 -1.58
N ILE C 130 3.67 9.45 -1.17
CA ILE C 130 3.89 10.21 0.06
C ILE C 130 3.85 9.28 1.27
N ASP C 131 2.82 8.44 1.36
CA ASP C 131 2.70 7.52 2.49
C ASP C 131 3.97 6.69 2.66
N ALA C 132 4.63 6.34 1.55
CA ALA C 132 5.85 5.54 1.63
C ALA C 132 6.97 6.33 2.31
N ARG C 133 7.17 7.58 1.90
CA ARG C 133 8.14 8.43 2.60
C ARG C 133 7.74 8.59 4.06
N LYS C 134 6.44 8.73 4.33
CA LYS C 134 5.97 8.80 5.71
C LYS C 134 6.33 7.54 6.48
N LYS C 135 6.20 6.38 5.83
CA LYS C 135 6.38 5.12 6.54
C LYS C 135 7.85 4.90 6.91
N LYS C 136 8.78 5.43 6.13
CA LYS C 136 10.19 5.35 6.49
C LYS C 136 10.44 5.96 7.85
N TYR C 137 9.68 7.00 8.22
CA TYR C 137 9.81 7.61 9.54
C TYR C 137 9.15 6.76 10.63
N VAL C 138 8.18 5.92 10.27
CA VAL C 138 7.59 5.01 11.24
C VAL C 138 8.54 3.85 11.51
N ASP C 139 9.09 3.25 10.45
CA ASP C 139 10.06 2.18 10.61
C ASP C 139 11.25 2.65 11.44
N PHE C 140 11.74 3.86 11.17
CA PHE C 140 12.82 4.43 11.96
C PHE C 140 12.50 4.37 13.45
N LEU C 141 11.31 4.87 13.83
CA LEU C 141 10.92 4.83 15.24
C LEU C 141 10.63 3.40 15.70
N GLU C 142 10.12 2.54 14.81
CA GLU C 142 9.89 1.15 15.18
C GLU C 142 11.21 0.48 15.57
N GLU C 143 12.29 0.77 14.86
CA GLU C 143 13.58 0.19 15.18
C GLU C 143 14.14 0.79 16.47
N ALA C 144 14.27 2.12 16.50
CA ALA C 144 14.81 2.78 17.68
C ALA C 144 14.07 2.39 18.95
N PHE C 145 12.77 2.08 18.84
CA PHE C 145 12.03 1.58 19.99
C PHE C 145 12.41 0.14 20.29
N SER C 146 12.57 -0.68 19.27
CA SER C 146 12.96 -2.08 19.48
C SER C 146 14.36 -2.16 20.08
N GLN C 147 15.28 -1.32 19.61
CA GLN C 147 16.62 -1.28 20.18
C GLN C 147 16.59 -0.87 21.64
N ALA C 148 15.81 0.17 21.96
CA ALA C 148 15.75 0.65 23.33
C ALA C 148 15.11 -0.37 24.27
N SER C 149 14.21 -1.21 23.74
CA SER C 149 13.51 -2.17 24.59
C SER C 149 14.42 -3.33 24.98
N GLN C 150 15.26 -3.80 24.05
CA GLN C 150 16.17 -4.90 24.36
C GLN C 150 17.32 -4.43 25.24
N GLN C 151 17.79 -3.20 25.03
CA GLN C 151 18.84 -2.63 25.87
C GLN C 151 18.34 -2.21 27.25
N GLY C 152 17.05 -2.41 27.53
CA GLY C 152 16.53 -2.14 28.86
C GLY C 152 16.51 -0.69 29.28
N LEU C 153 16.69 0.25 28.34
CA LEU C 153 16.70 1.67 28.70
C LEU C 153 15.30 2.23 28.91
N ILE C 154 14.25 1.53 28.49
CA ILE C 154 12.87 1.95 28.71
C ILE C 154 11.99 0.72 28.84
N ARG C 155 10.76 0.94 29.29
CA ARG C 155 9.84 -0.17 29.54
C ARG C 155 9.60 -0.95 28.25
N PRO C 156 9.47 -2.27 28.32
CA PRO C 156 9.15 -3.04 27.11
C PRO C 156 7.77 -2.69 26.59
N VAL C 157 7.66 -2.62 25.26
CA VAL C 157 6.40 -2.26 24.61
C VAL C 157 6.48 -2.71 23.16
N ASP C 158 5.32 -2.96 22.56
CA ASP C 158 5.28 -3.31 21.15
C ASP C 158 5.90 -2.19 20.34
N PRO C 159 6.84 -2.49 19.42
CA PRO C 159 7.50 -1.40 18.69
C PRO C 159 6.54 -0.45 17.99
N THR C 160 5.50 -0.99 17.35
CA THR C 160 4.57 -0.14 16.60
C THR C 160 3.67 0.66 17.53
N VAL C 161 3.32 0.11 18.68
CA VAL C 161 2.53 0.86 19.66
C VAL C 161 3.33 2.05 20.16
N GLY C 162 4.64 1.87 20.34
CA GLY C 162 5.49 2.96 20.80
C GLY C 162 5.82 3.96 19.71
N ALA C 163 5.86 3.51 18.46
CA ALA C 163 6.15 4.43 17.37
C ALA C 163 5.01 5.41 17.14
N PHE C 164 3.77 4.95 17.25
CA PHE C 164 2.62 5.83 17.03
C PHE C 164 2.20 6.58 18.28
N SER C 165 2.51 6.07 19.47
CA SER C 165 2.39 6.91 20.67
C SER C 165 3.33 8.10 20.58
N PHE C 166 4.54 7.87 20.06
CA PHE C 166 5.47 8.97 19.79
C PHE C 166 4.84 9.98 18.85
N LEU C 167 4.35 9.51 17.70
CA LEU C 167 3.81 10.42 16.68
C LEU C 167 2.51 11.06 17.14
N GLY C 168 1.72 10.36 17.97
CA GLY C 168 0.48 10.94 18.44
C GLY C 168 0.70 12.19 19.27
N MET C 169 1.58 12.10 20.28
CA MET C 169 1.86 13.26 21.11
C MET C 169 2.41 14.41 20.28
N VAL C 170 3.47 14.14 19.50
CA VAL C 170 4.18 15.21 18.81
C VAL C 170 3.27 15.88 17.78
N LEU C 171 2.77 15.09 16.82
CA LEU C 171 2.12 15.67 15.66
C LEU C 171 0.75 16.26 16.00
N TRP C 172 0.03 15.67 16.96
CA TRP C 172 -1.25 16.23 17.38
C TRP C 172 -1.12 17.66 17.89
N ILE C 173 0.10 18.12 18.17
CA ILE C 173 0.31 19.49 18.66
C ILE C 173 -0.25 20.51 17.68
N TYR C 174 -0.19 20.22 16.37
CA TYR C 174 -0.58 21.21 15.38
C TYR C 174 -2.06 21.55 15.44
N LYS C 175 -2.85 20.84 16.23
CA LYS C 175 -4.29 21.05 16.30
C LYS C 175 -4.71 21.91 17.49
N TRP C 176 -3.83 22.17 18.45
CA TRP C 176 -4.20 22.92 19.65
C TRP C 176 -3.17 23.93 20.13
N PHE C 177 -1.94 23.91 19.61
CA PHE C 177 -0.91 24.79 20.15
C PHE C 177 -1.12 26.23 19.70
N LYS C 178 -0.78 27.16 20.59
CA LYS C 178 -0.80 28.57 20.31
C LYS C 178 0.35 29.22 21.07
N PRO C 179 1.25 29.94 20.40
CA PRO C 179 2.37 30.56 21.14
C PRO C 179 1.94 31.56 22.18
N ASP C 180 0.76 32.16 22.04
CA ASP C 180 0.24 33.05 23.07
C ASP C 180 -0.17 32.31 24.34
N GLY C 181 -0.19 30.99 24.31
CA GLY C 181 -0.67 30.21 25.44
C GLY C 181 0.22 30.35 26.66
N ARG C 182 -0.03 29.46 27.61
CA ARG C 182 0.67 29.50 28.90
C ARG C 182 2.10 28.97 28.78
N LEU C 183 2.23 27.69 28.43
CA LEU C 183 3.55 27.09 28.29
C LEU C 183 4.12 27.38 26.90
N THR C 184 5.45 27.33 26.81
CA THR C 184 6.16 27.52 25.57
C THR C 184 6.55 26.18 24.98
N ASP C 185 6.86 26.19 23.68
CA ASP C 185 7.20 24.94 22.99
C ASP C 185 8.30 24.19 23.69
N GLU C 186 9.25 24.89 24.32
CA GLU C 186 10.31 24.22 25.06
C GLU C 186 9.77 23.47 26.27
N GLN C 187 8.84 24.09 27.01
CA GLN C 187 8.30 23.46 28.20
C GLN C 187 7.44 22.25 27.84
N ILE C 188 6.72 22.32 26.73
CA ILE C 188 5.93 21.17 26.28
C ILE C 188 6.86 20.03 25.91
N ALA C 189 7.93 20.32 25.18
CA ALA C 189 8.88 19.28 24.79
C ALA C 189 9.46 18.59 26.01
N ASP C 190 9.98 19.37 26.97
CA ASP C 190 10.54 18.77 28.17
C ASP C 190 9.50 17.90 28.88
N GLY C 191 8.27 18.40 29.00
CA GLY C 191 7.24 17.62 29.68
C GLY C 191 6.95 16.31 28.96
N MET C 192 6.80 16.36 27.64
CA MET C 192 6.51 15.15 26.88
C MET C 192 7.66 14.17 26.93
N VAL C 193 8.89 14.65 26.69
CA VAL C 193 10.06 13.78 26.73
C VAL C 193 10.14 13.07 28.09
N GLY C 194 10.09 13.83 29.17
CA GLY C 194 10.16 13.25 30.50
C GLY C 194 8.99 12.34 30.83
N MET C 195 7.89 12.45 30.09
CA MET C 195 6.72 11.63 30.34
C MET C 195 6.76 10.31 29.62
N LEU C 196 7.43 10.26 28.47
CA LEU C 196 7.51 9.04 27.66
C LEU C 196 8.87 8.37 27.73
N PHE C 197 9.94 9.14 27.96
CA PHE C 197 11.31 8.62 28.00
C PHE C 197 12.01 9.08 29.27
N PRO C 198 11.51 8.69 30.43
CA PRO C 198 12.17 9.08 31.68
C PRO C 198 13.40 8.22 31.93
N PRO C 199 14.30 8.65 32.81
CA PRO C 199 15.48 7.83 33.10
C PRO C 199 15.09 6.50 33.72
N PHE C 200 15.66 5.42 33.18
CA PHE C 200 15.33 4.07 33.63
C PHE C 200 16.58 3.35 34.12
N ARG D 17 -35.58 10.61 7.85
CA ARG D 17 -35.92 11.76 8.67
C ARG D 17 -34.66 12.57 9.00
N TYR D 18 -34.72 13.34 10.10
CA TYR D 18 -33.59 14.18 10.48
C TYR D 18 -32.34 13.34 10.75
N ARG D 19 -32.42 12.44 11.73
CA ARG D 19 -31.25 11.62 12.08
C ARG D 19 -30.79 10.78 10.89
N ALA D 20 -31.69 10.45 9.98
CA ALA D 20 -31.31 9.71 8.78
C ALA D 20 -30.45 10.53 7.85
N ILE D 21 -30.53 11.86 7.93
CA ILE D 21 -29.72 12.73 7.08
C ILE D 21 -28.36 13.02 7.70
N LEU D 22 -28.27 13.07 9.04
CA LEU D 22 -26.99 13.30 9.69
C LEU D 22 -26.09 12.08 9.53
N GLU D 23 -26.61 10.89 9.79
CA GLU D 23 -25.83 9.68 9.56
C GLU D 23 -25.36 9.58 8.12
N THR D 24 -26.24 9.89 7.17
CA THR D 24 -25.87 9.84 5.77
C THR D 24 -24.88 10.95 5.42
N ALA D 25 -25.17 12.17 5.86
CA ALA D 25 -24.27 13.29 5.57
C ALA D 25 -22.93 13.10 6.26
N ALA D 26 -22.94 12.53 7.47
CA ALA D 26 -21.69 12.30 8.20
C ALA D 26 -20.84 11.23 7.52
N ARG D 27 -21.48 10.23 6.92
CA ARG D 27 -20.72 9.18 6.23
C ARG D 27 -20.02 9.72 4.99
N LEU D 28 -20.55 10.79 4.39
CA LEU D 28 -19.96 11.39 3.20
C LEU D 28 -18.95 12.49 3.55
N ILE D 29 -19.27 13.31 4.55
CA ILE D 29 -18.34 14.35 4.99
C ILE D 29 -17.07 13.73 5.54
N CYS D 30 -17.16 12.49 6.05
CA CYS D 30 -15.99 11.83 6.59
C CYS D 30 -15.09 11.28 5.48
N ASP D 31 -15.70 10.76 4.41
CA ASP D 31 -14.92 10.25 3.28
C ASP D 31 -14.33 11.39 2.47
N ARG D 32 -15.19 12.28 1.95
CA ARG D 32 -14.76 13.34 1.06
C ARG D 32 -14.31 14.60 1.77
N GLY D 33 -14.73 14.82 3.02
CA GLY D 33 -14.45 16.05 3.71
C GLY D 33 -15.55 17.08 3.53
N TYR D 34 -15.59 18.03 4.46
CA TYR D 34 -16.65 19.03 4.45
C TYR D 34 -16.65 19.84 3.16
N GLU D 35 -15.48 20.35 2.76
CA GLU D 35 -15.40 21.15 1.54
C GLU D 35 -15.53 20.28 0.31
N GLY D 36 -15.06 19.04 0.35
CA GLY D 36 -15.15 18.14 -0.79
C GLY D 36 -16.53 17.52 -0.97
N THR D 37 -17.38 17.59 0.05
CA THR D 37 -18.72 17.03 -0.03
C THR D 37 -19.70 18.14 -0.43
N SER D 38 -20.43 17.90 -1.51
CA SER D 38 -21.44 18.84 -1.97
C SER D 38 -22.81 18.49 -1.39
N MET D 39 -23.74 19.43 -1.51
CA MET D 39 -25.10 19.22 -1.02
C MET D 39 -25.91 18.32 -1.94
N GLN D 40 -25.51 18.18 -3.20
CA GLN D 40 -26.19 17.25 -4.10
C GLN D 40 -25.77 15.81 -3.82
N GLU D 41 -24.48 15.59 -3.58
CA GLU D 41 -24.03 14.26 -3.17
C GLU D 41 -24.76 13.78 -1.94
N ILE D 42 -24.99 14.68 -0.98
CA ILE D 42 -25.71 14.30 0.24
C ILE D 42 -27.18 14.04 -0.07
N ALA D 43 -27.80 14.88 -0.90
CA ALA D 43 -29.21 14.72 -1.21
C ALA D 43 -29.47 13.43 -1.97
N ALA D 44 -28.53 12.99 -2.80
CA ALA D 44 -28.72 11.75 -3.55
C ALA D 44 -28.62 10.54 -2.64
N ALA D 45 -27.74 10.60 -1.63
CA ALA D 45 -27.62 9.51 -0.68
C ALA D 45 -28.85 9.38 0.21
N CYS D 46 -29.66 10.44 0.32
CA CYS D 46 -30.87 10.43 1.12
C CYS D 46 -32.13 10.22 0.30
N ARG D 47 -31.98 9.90 -1.00
CA ARG D 47 -33.13 9.72 -1.88
C ARG D 47 -34.02 10.97 -1.90
N MET D 48 -33.38 12.13 -1.90
CA MET D 48 -34.06 13.42 -1.94
C MET D 48 -33.53 14.26 -3.09
N THR D 49 -34.18 15.39 -3.30
CA THR D 49 -33.63 16.45 -4.14
C THR D 49 -32.90 17.46 -3.27
N LYS D 50 -31.97 18.19 -3.89
CA LYS D 50 -31.24 19.21 -3.14
C LYS D 50 -32.20 20.21 -2.51
N ALA D 51 -33.34 20.46 -3.14
CA ALA D 51 -34.34 21.36 -2.54
C ALA D 51 -34.99 20.71 -1.32
N GLY D 52 -35.34 19.43 -1.42
CA GLY D 52 -35.94 18.75 -0.28
C GLY D 52 -35.00 18.70 0.92
N LEU D 53 -33.71 18.49 0.66
CA LEU D 53 -32.73 18.46 1.74
C LEU D 53 -32.74 19.76 2.53
N TYR D 54 -32.93 20.89 1.85
CA TYR D 54 -32.89 22.19 2.49
C TYR D 54 -34.17 22.51 3.26
N HIS D 55 -35.13 21.59 3.31
CA HIS D 55 -36.28 21.77 4.18
C HIS D 55 -35.93 21.39 5.62
N HIS D 56 -35.28 20.23 5.80
CA HIS D 56 -34.85 19.82 7.13
C HIS D 56 -33.56 20.52 7.53
N ILE D 57 -32.65 20.68 6.60
CA ILE D 57 -31.40 21.40 6.82
C ILE D 57 -31.61 22.84 6.38
N GLN D 58 -31.10 23.78 7.17
CA GLN D 58 -31.21 25.18 6.80
C GLN D 58 -30.04 25.63 5.93
N ASN D 59 -28.83 25.12 6.18
CA ASN D 59 -27.69 25.39 5.33
C ASN D 59 -26.62 24.35 5.61
N LYS D 60 -25.56 24.39 4.81
CA LYS D 60 -24.49 23.39 4.91
C LYS D 60 -23.72 23.54 6.22
N GLU D 61 -23.53 24.78 6.68
CA GLU D 61 -22.76 24.99 7.90
C GLU D 61 -23.47 24.40 9.12
N GLN D 62 -24.78 24.63 9.23
CA GLN D 62 -25.52 24.09 10.37
C GLN D 62 -25.59 22.57 10.31
N LEU D 63 -25.64 22.00 9.10
CA LEU D 63 -25.55 20.54 8.97
C LEU D 63 -24.28 20.02 9.60
N LEU D 64 -23.16 20.73 9.42
CA LEU D 64 -21.92 20.36 10.10
C LEU D 64 -22.04 20.58 11.59
N PHE D 65 -22.53 21.75 12.00
CA PHE D 65 -22.71 22.03 13.42
C PHE D 65 -23.60 21.00 14.10
N ALA D 66 -24.51 20.38 13.34
CA ALA D 66 -25.35 19.34 13.91
C ALA D 66 -24.60 18.02 14.04
N ILE D 67 -23.83 17.67 13.01
CA ILE D 67 -23.04 16.43 13.05
C ILE D 67 -22.06 16.47 14.21
N MET D 68 -21.41 17.61 14.43
CA MET D 68 -20.44 17.72 15.51
C MET D 68 -21.11 17.67 16.87
N ASN D 69 -22.37 18.11 16.96
CA ASN D 69 -23.07 18.06 18.24
C ASN D 69 -23.51 16.65 18.56
N TYR D 70 -24.17 15.98 17.61
CA TYR D 70 -24.51 14.58 17.81
C TYR D 70 -23.28 13.73 18.03
N GLY D 71 -22.15 14.12 17.45
CA GLY D 71 -20.91 13.39 17.67
C GLY D 71 -20.37 13.57 19.08
N MET D 72 -20.62 14.71 19.70
CA MET D 72 -20.23 14.91 21.08
C MET D 72 -21.20 14.23 22.04
N ASP D 73 -22.46 14.05 21.63
CA ASP D 73 -23.41 13.32 22.46
C ASP D 73 -23.01 11.86 22.59
N LEU D 74 -22.63 11.23 21.47
CA LEU D 74 -22.15 9.85 21.52
C LEU D 74 -20.86 9.76 22.33
N PHE D 75 -19.97 10.73 22.16
CA PHE D 75 -18.71 10.71 22.90
C PHE D 75 -18.94 10.75 24.39
N GLU D 76 -19.72 11.72 24.86
CA GLU D 76 -19.97 11.85 26.30
C GLU D 76 -20.63 10.61 26.87
N GLU D 77 -21.47 9.92 26.09
CA GLU D 77 -22.18 8.76 26.59
C GLU D 77 -21.33 7.49 26.49
N GLN D 78 -20.50 7.37 25.46
CA GLN D 78 -19.70 6.17 25.25
C GLN D 78 -18.26 6.33 25.74
N VAL D 79 -17.98 7.35 26.54
CA VAL D 79 -16.65 7.53 27.11
C VAL D 79 -16.77 8.08 28.52
N LEU D 80 -17.32 9.29 28.66
CA LEU D 80 -17.37 9.94 29.96
C LEU D 80 -18.33 9.23 30.90
N SER D 81 -19.51 8.85 30.42
CA SER D 81 -20.50 8.19 31.27
C SER D 81 -19.93 6.95 31.94
N ARG D 82 -18.91 6.33 31.35
CA ARG D 82 -18.37 5.07 31.84
C ARG D 82 -17.18 5.24 32.78
N VAL D 83 -16.67 6.46 32.94
CA VAL D 83 -15.48 6.68 33.75
C VAL D 83 -15.60 7.84 34.71
N GLN D 84 -16.55 8.76 34.52
CA GLN D 84 -16.66 9.91 35.42
C GLN D 84 -16.89 9.49 36.87
N ASP D 85 -17.42 8.29 37.09
CA ASP D 85 -17.72 7.79 38.44
C ASP D 85 -16.62 6.86 38.95
N ILE D 86 -15.37 7.15 38.62
CA ILE D 86 -14.21 6.40 39.14
C ILE D 86 -13.44 7.35 40.05
N ALA D 87 -13.37 7.00 41.34
CA ALA D 87 -12.73 7.86 42.31
C ALA D 87 -11.23 7.93 42.08
N ASN D 88 -10.59 6.78 41.86
CA ASN D 88 -9.16 6.74 41.64
C ASN D 88 -8.81 7.56 40.39
N PRO D 89 -7.88 8.52 40.49
CA PRO D 89 -7.60 9.36 39.32
C PRO D 89 -6.79 8.68 38.23
N VAL D 90 -6.10 7.59 38.52
CA VAL D 90 -5.32 6.88 37.51
C VAL D 90 -6.17 5.85 36.78
N GLU D 91 -6.83 4.96 37.52
CA GLU D 91 -7.78 4.04 36.90
C GLU D 91 -8.79 4.80 36.05
N ARG D 92 -9.05 6.06 36.40
CA ARG D 92 -9.88 6.92 35.56
C ARG D 92 -9.26 7.10 34.19
N LEU D 93 -7.98 7.49 34.15
CA LEU D 93 -7.31 7.75 32.88
C LEU D 93 -7.02 6.46 32.12
N ARG D 94 -6.89 5.33 32.82
CA ARG D 94 -6.72 4.06 32.13
C ARG D 94 -7.99 3.67 31.37
N ALA D 95 -9.13 3.67 32.06
CA ALA D 95 -10.38 3.30 31.41
C ALA D 95 -10.81 4.32 30.39
N CYS D 96 -10.65 5.61 30.69
CA CYS D 96 -11.00 6.65 29.74
C CYS D 96 -10.20 6.50 28.45
N MET D 97 -8.91 6.23 28.56
CA MET D 97 -8.09 6.01 27.37
C MET D 97 -8.62 4.82 26.58
N ARG D 98 -8.93 3.72 27.25
CA ARG D 98 -9.34 2.51 26.55
C ARG D 98 -10.66 2.72 25.81
N HIS D 99 -11.63 3.36 26.46
CA HIS D 99 -12.90 3.65 25.80
C HIS D 99 -12.68 4.59 24.61
N ASN D 100 -11.94 5.68 24.82
CA ASN D 100 -11.74 6.65 23.76
C ASN D 100 -11.02 6.05 22.56
N ILE D 101 -10.17 5.06 22.78
CA ILE D 101 -9.48 4.41 21.67
C ILE D 101 -10.46 3.56 20.87
N LEU D 102 -11.24 2.73 21.55
CA LEU D 102 -12.20 1.86 20.85
C LEU D 102 -13.26 2.68 20.14
N LEU D 103 -13.54 3.89 20.60
CA LEU D 103 -14.49 4.76 19.91
C LEU D 103 -13.98 5.12 18.51
N VAL D 104 -12.68 5.34 18.38
CA VAL D 104 -12.11 5.76 17.11
C VAL D 104 -11.83 4.57 16.20
N THR D 105 -11.50 3.41 16.78
CA THR D 105 -11.07 2.28 15.96
C THR D 105 -12.25 1.53 15.35
N ARG D 106 -13.30 1.27 16.14
CA ARG D 106 -14.44 0.54 15.63
C ARG D 106 -15.09 1.27 14.47
N GLY D 107 -15.13 2.61 14.54
CA GLY D 107 -15.59 3.40 13.41
C GLY D 107 -17.08 3.36 13.17
N TRP D 108 -17.89 3.16 14.21
CA TRP D 108 -19.33 3.20 14.06
C TRP D 108 -19.91 4.59 14.25
N SER D 109 -19.18 5.47 14.93
CA SER D 109 -19.55 6.88 15.05
C SER D 109 -18.65 7.67 14.11
N LYS D 110 -19.11 7.89 12.88
CA LYS D 110 -18.39 8.72 11.94
C LYS D 110 -18.49 10.20 12.28
N GLU D 111 -19.33 10.57 13.25
CA GLU D 111 -19.48 11.97 13.61
C GLU D 111 -18.28 12.47 14.41
N VAL D 112 -17.72 11.62 15.27
CA VAL D 112 -16.58 12.05 16.08
C VAL D 112 -15.34 12.21 15.21
N ILE D 113 -15.18 11.34 14.22
CA ILE D 113 -14.07 11.49 13.28
C ILE D 113 -14.12 12.86 12.63
N ILE D 114 -15.32 13.35 12.34
CA ILE D 114 -15.47 14.67 11.76
C ILE D 114 -15.07 15.75 12.77
N ILE D 115 -15.39 15.54 14.04
CA ILE D 115 -15.01 16.51 15.07
C ILE D 115 -13.50 16.62 15.15
N LEU D 116 -12.78 15.56 14.80
CA LEU D 116 -11.33 15.56 14.88
C LEU D 116 -10.71 16.18 13.63
N HIS D 117 -11.14 15.73 12.45
CA HIS D 117 -10.54 16.22 11.21
C HIS D 117 -10.93 17.68 10.95
N GLU D 118 -12.21 18.00 11.06
CA GLU D 118 -12.71 19.34 10.80
C GLU D 118 -12.63 20.22 12.04
N HIS D 119 -11.48 20.18 12.71
CA HIS D 119 -11.33 20.91 13.97
C HIS D 119 -11.33 22.43 13.78
N ALA D 120 -11.04 22.91 12.57
CA ALA D 120 -10.92 24.34 12.30
C ALA D 120 -11.79 24.75 11.12
N THR D 121 -12.94 24.10 10.94
CA THR D 121 -13.84 24.38 9.83
C THR D 121 -14.94 25.37 10.21
N LEU D 122 -15.62 25.13 11.33
CA LEU D 122 -16.66 26.05 11.77
C LEU D 122 -16.08 27.43 12.05
N THR D 123 -16.95 28.44 12.03
CA THR D 123 -16.54 29.82 12.26
C THR D 123 -17.57 30.49 13.16
N GLY D 124 -17.11 31.52 13.87
CA GLY D 124 -18.02 32.34 14.65
C GLY D 124 -18.62 31.58 15.82
N GLU D 125 -19.92 31.78 16.02
CA GLU D 125 -20.59 31.21 17.18
C GLU D 125 -20.65 29.69 17.13
N THR D 126 -20.88 29.14 15.93
CA THR D 126 -20.98 27.68 15.81
C THR D 126 -19.71 27.00 16.32
N ARG D 127 -18.55 27.61 16.08
CA ARG D 127 -17.30 27.02 16.55
C ARG D 127 -17.09 27.24 18.04
N ALA D 128 -17.40 28.45 18.53
CA ALA D 128 -17.22 28.74 19.94
C ALA D 128 -18.02 27.80 20.82
N PHE D 129 -19.15 27.31 20.33
CA PHE D 129 -19.98 26.40 21.11
C PHE D 129 -19.36 25.00 21.17
N ILE D 130 -18.94 24.48 20.01
CA ILE D 130 -18.32 23.16 19.98
C ILE D 130 -17.00 23.18 20.74
N ASP D 131 -16.12 24.13 20.40
CA ASP D 131 -14.79 24.17 21.02
C ASP D 131 -14.88 24.15 22.53
N ALA D 132 -15.71 25.03 23.10
CA ALA D 132 -15.87 25.03 24.56
C ALA D 132 -16.45 23.72 25.05
N ARG D 133 -17.33 23.10 24.27
CA ARG D 133 -17.84 21.77 24.62
C ARG D 133 -16.73 20.74 24.59
N LYS D 134 -15.75 20.91 23.69
CA LYS D 134 -14.59 20.03 23.64
C LYS D 134 -13.58 20.36 24.73
N LYS D 135 -13.55 21.62 25.19
CA LYS D 135 -12.59 22.02 26.21
C LYS D 135 -12.93 21.44 27.58
N LYS D 136 -14.17 20.98 27.79
CA LYS D 136 -14.51 20.35 29.05
C LYS D 136 -13.89 18.97 29.18
N TYR D 137 -13.67 18.28 28.06
CA TYR D 137 -12.95 17.02 28.09
C TYR D 137 -11.48 17.24 28.41
N VAL D 138 -10.94 18.41 28.09
CA VAL D 138 -9.56 18.73 28.46
C VAL D 138 -9.46 19.00 29.95
N ASP D 139 -10.36 19.83 30.48
CA ASP D 139 -10.36 20.11 31.91
C ASP D 139 -10.68 18.86 32.72
N PHE D 140 -11.38 17.90 32.13
CA PHE D 140 -11.60 16.62 32.79
C PHE D 140 -10.32 15.82 32.88
N LEU D 141 -9.43 15.97 31.89
CA LEU D 141 -8.14 15.29 31.91
C LEU D 141 -7.10 16.06 32.71
N GLU D 142 -7.11 17.40 32.61
CA GLU D 142 -6.24 18.21 33.46
C GLU D 142 -6.47 17.87 34.93
N GLU D 143 -7.73 17.82 35.35
CA GLU D 143 -8.03 17.50 36.74
C GLU D 143 -7.59 16.08 37.07
N ALA D 144 -7.79 15.14 36.15
CA ALA D 144 -7.36 13.76 36.39
C ALA D 144 -5.84 13.67 36.54
N PHE D 145 -5.10 14.50 35.83
CA PHE D 145 -3.65 14.49 35.96
C PHE D 145 -3.18 15.22 37.21
N SER D 146 -3.75 16.39 37.48
CA SER D 146 -3.38 17.13 38.69
C SER D 146 -3.72 16.33 39.95
N GLN D 147 -4.78 15.52 39.89
CA GLN D 147 -5.12 14.66 41.02
C GLN D 147 -4.20 13.45 41.11
N ALA D 148 -3.91 12.82 39.96
CA ALA D 148 -3.10 11.62 39.97
C ALA D 148 -1.65 11.92 40.35
N SER D 149 -1.13 13.09 39.98
CA SER D 149 0.27 13.40 40.25
C SER D 149 0.48 13.72 41.72
N GLN D 150 -0.38 14.57 42.31
CA GLN D 150 -0.19 14.97 43.69
C GLN D 150 -0.37 13.79 44.65
N GLN D 151 -1.14 12.78 44.25
CA GLN D 151 -1.28 11.57 45.06
C GLN D 151 -0.10 10.62 44.92
N GLY D 152 0.88 10.97 44.10
CA GLY D 152 2.04 10.11 43.91
C GLY D 152 1.77 8.85 43.11
N LEU D 153 0.65 8.80 42.39
CA LEU D 153 0.32 7.63 41.59
C LEU D 153 0.95 7.66 40.21
N ILE D 154 1.43 8.81 39.76
CA ILE D 154 2.10 8.95 38.47
C ILE D 154 3.26 9.94 38.63
N ARG D 155 4.20 9.87 37.69
CA ARG D 155 5.31 10.81 37.69
C ARG D 155 4.76 12.23 37.60
N PRO D 156 5.32 13.18 38.36
CA PRO D 156 4.80 14.55 38.31
C PRO D 156 4.97 15.15 36.91
N VAL D 157 3.85 15.64 36.36
CA VAL D 157 3.84 16.25 35.04
C VAL D 157 2.83 17.37 35.04
N ASP D 158 3.10 18.39 34.22
CA ASP D 158 2.17 19.50 34.10
C ASP D 158 0.81 18.98 33.64
N PRO D 159 -0.29 19.49 34.21
CA PRO D 159 -1.61 18.93 33.84
C PRO D 159 -1.95 19.10 32.37
N THR D 160 -1.64 20.26 31.78
CA THR D 160 -1.98 20.49 30.38
C THR D 160 -1.18 19.56 29.46
N VAL D 161 0.07 19.27 29.81
CA VAL D 161 0.86 18.36 29.00
C VAL D 161 0.29 16.96 29.06
N GLY D 162 -0.14 16.53 30.25
CA GLY D 162 -0.72 15.21 30.39
C GLY D 162 -1.97 15.01 29.56
N ALA D 163 -2.74 16.07 29.36
CA ALA D 163 -3.98 15.94 28.60
C ALA D 163 -3.71 15.78 27.11
N PHE D 164 -2.93 16.70 26.53
CA PHE D 164 -2.67 16.64 25.09
C PHE D 164 -1.70 15.53 24.72
N SER D 165 -0.89 15.05 25.67
CA SER D 165 -0.17 13.81 25.46
C SER D 165 -1.14 12.63 25.52
N PHE D 166 -2.09 12.67 26.46
CA PHE D 166 -3.17 11.69 26.49
C PHE D 166 -4.02 11.78 25.22
N LEU D 167 -4.38 13.00 24.81
CA LEU D 167 -5.26 13.16 23.66
C LEU D 167 -4.53 12.88 22.36
N GLY D 168 -3.28 13.31 22.24
CA GLY D 168 -2.54 13.09 21.00
C GLY D 168 -2.40 11.62 20.68
N MET D 169 -2.02 10.81 21.67
CA MET D 169 -1.87 9.38 21.44
C MET D 169 -3.19 8.75 21.03
N VAL D 170 -4.29 9.19 21.62
CA VAL D 170 -5.58 8.53 21.42
C VAL D 170 -6.23 8.98 20.12
N LEU D 171 -6.35 10.30 19.92
CA LEU D 171 -7.11 10.80 18.80
C LEU D 171 -6.34 10.69 17.49
N TRP D 172 -5.00 10.75 17.53
CA TRP D 172 -4.22 10.59 16.31
C TRP D 172 -4.43 9.22 15.66
N ILE D 173 -5.06 8.28 16.37
CA ILE D 173 -5.27 6.94 15.82
C ILE D 173 -6.09 6.99 14.55
N TYR D 174 -6.94 8.01 14.39
CA TYR D 174 -7.82 8.06 13.23
C TYR D 174 -7.07 8.35 11.94
N LYS D 175 -5.75 8.54 12.00
CA LYS D 175 -4.96 8.84 10.81
C LYS D 175 -4.18 7.65 10.28
N TRP D 176 -4.00 6.59 11.07
CA TRP D 176 -3.20 5.46 10.65
C TRP D 176 -3.84 4.10 10.89
N PHE D 177 -4.78 3.98 11.82
CA PHE D 177 -5.28 2.66 12.20
C PHE D 177 -6.17 2.07 11.10
N LYS D 178 -5.96 0.77 10.84
CA LYS D 178 -6.80 -0.03 9.96
C LYS D 178 -7.21 -1.29 10.69
N PRO D 179 -8.47 -1.73 10.55
CA PRO D 179 -8.89 -2.92 11.30
C PRO D 179 -8.21 -4.19 10.85
N ASP D 180 -7.96 -4.33 9.55
CA ASP D 180 -7.33 -5.53 9.00
C ASP D 180 -5.81 -5.53 9.13
N GLY D 181 -5.28 -4.75 10.06
CA GLY D 181 -3.84 -4.65 10.23
C GLY D 181 -3.28 -5.78 11.07
N ARG D 182 -2.11 -5.52 11.65
CA ARG D 182 -1.42 -6.51 12.46
C ARG D 182 -2.07 -6.66 13.83
N LEU D 183 -1.97 -5.62 14.66
CA LEU D 183 -2.56 -5.63 15.98
C LEU D 183 -4.06 -5.36 15.89
N THR D 184 -4.73 -5.43 17.04
CA THR D 184 -6.14 -5.09 17.17
C THR D 184 -6.29 -3.92 18.11
N ASP D 185 -7.42 -3.20 17.97
CA ASP D 185 -7.68 -2.05 18.83
C ASP D 185 -7.59 -2.40 20.30
N GLU D 186 -7.77 -3.68 20.66
CA GLU D 186 -7.60 -4.10 22.05
C GLU D 186 -6.13 -4.09 22.44
N GLN D 187 -5.27 -4.66 21.58
CA GLN D 187 -3.85 -4.70 21.88
C GLN D 187 -3.23 -3.31 21.86
N ILE D 188 -3.68 -2.46 20.94
CA ILE D 188 -3.16 -1.09 20.88
C ILE D 188 -3.49 -0.35 22.17
N ALA D 189 -4.72 -0.49 22.67
CA ALA D 189 -5.09 0.17 23.91
C ALA D 189 -4.21 -0.30 25.06
N ASP D 190 -4.19 -1.62 25.30
CA ASP D 190 -3.39 -2.16 26.40
C ASP D 190 -1.97 -1.60 26.37
N GLY D 191 -1.33 -1.67 25.20
CA GLY D 191 0.04 -1.17 25.10
C GLY D 191 0.15 0.31 25.41
N MET D 192 -0.75 1.12 24.84
CA MET D 192 -0.69 2.56 25.05
C MET D 192 -1.00 2.91 26.50
N VAL D 193 -1.93 2.20 27.13
CA VAL D 193 -2.22 2.44 28.54
C VAL D 193 -0.98 2.13 29.39
N GLY D 194 -0.46 0.90 29.26
CA GLY D 194 0.70 0.51 30.03
C GLY D 194 1.91 1.40 29.79
N MET D 195 1.98 2.04 28.62
CA MET D 195 3.08 2.92 28.32
C MET D 195 2.95 4.26 29.03
N LEU D 196 1.79 4.92 28.89
CA LEU D 196 1.60 6.23 29.50
C LEU D 196 1.27 6.13 30.98
N PHE D 197 0.68 5.02 31.42
CA PHE D 197 0.31 4.81 32.82
C PHE D 197 0.83 3.45 33.26
N PRO D 198 2.13 3.33 33.48
CA PRO D 198 2.68 2.06 33.95
C PRO D 198 2.47 1.89 35.44
N PRO D 199 2.47 0.66 35.96
CA PRO D 199 2.33 0.45 37.41
C PRO D 199 3.42 1.21 38.16
N PHE D 200 2.99 2.19 38.96
CA PHE D 200 3.91 3.05 39.69
C PHE D 200 3.37 3.36 41.09
O9 IVC G . 7.05 -26.87 -29.77
P1 IVC G . 5.83 -26.96 -28.89
O5 IVC G . 4.66 -26.27 -29.58
O6 IVC G . 5.48 -28.40 -28.66
O2 IVC G . 6.13 -26.23 -27.45
C1 IVC G . 6.02 -24.81 -27.35
C2 IVC G . 4.56 -24.37 -26.69
O3 IVC G . 4.24 -25.27 -25.61
C4 IVC G . 4.75 -23.15 -26.23
N1 IVC G . 4.62 -22.11 -27.23
C7 IVC G . 5.44 -21.10 -27.35
N2 IVC G . 5.06 -20.32 -28.34
C8 IVC G . 3.94 -20.84 -28.87
C6 IVC G . 3.66 -21.98 -28.18
N3 IVC G . 2.55 -22.71 -28.51
C15 IVC G . 1.79 -22.33 -29.51
N4 IVC G . 2.03 -21.23 -30.22
C12 IVC G . 3.08 -20.47 -29.93
N5 IVC G . 3.34 -19.26 -30.72
O1 IVC G . 6.22 -23.17 -25.72
C3 IVC G . 6.92 -24.36 -26.50
C5 IVC G . 8.17 -23.85 -27.26
O4 IVC G . 9.10 -23.40 -26.28
P2 IVC G . 10.66 -23.26 -26.73
O12 IVC G . 11.08 -21.83 -26.60
O10 IVC G . 10.82 -23.72 -28.16
O7 IVC G . 11.59 -24.20 -25.75
P3 IVC G . 10.95 -25.29 -24.69
O14 IVC G . 10.26 -26.40 -25.45
O13 IVC G . 12.06 -25.87 -23.85
O8 IVC G . 9.88 -24.53 -23.69
C11 IVC G . 9.91 -24.94 -22.35
C9 IVC G . 8.81 -24.17 -21.58
C13 IVC G . 8.70 -24.87 -20.19
C14 IVC G . 7.49 -24.33 -22.30
C10 IVC G . 9.22 -22.68 -21.55
O11 IVC G . 8.50 -22.00 -22.49
C16 IVC G . 8.98 -22.02 -20.18
O15 IVC G . 9.63 -22.35 -19.24
N6 IVC G . 7.94 -20.97 -20.03
C17 IVC G . 7.73 -20.35 -18.71
C18 IVC G . 7.07 -21.42 -17.78
C19 IVC G . 5.67 -21.69 -18.20
O16 IVC G . 5.00 -20.79 -18.53
N7 IVC G . 5.08 -23.04 -18.21
C20 IVC G . 5.85 -24.26 -17.82
C21 IVC G . 5.18 -24.90 -16.56
S1 IVC G . 6.10 -24.35 -15.10
C22 IVC G . 6.26 -25.76 -13.98
O17 IVC G . 6.98 -26.64 -14.24
C23 IVC G . 5.42 -25.81 -12.68
C24 IVC G . 6.13 -25.21 -11.45
C25 IVC G . 7.56 -25.77 -11.25
C26 IVC G . 5.29 -25.45 -10.21
H3 IVC G . 6.14 -24.41 -28.19
H4 IVC G . 3.89 -24.39 -27.35
H5 IVC G . 4.33 -26.05 -25.87
H6 IVC G . 4.16 -22.99 -25.52
H7 IVC G . 6.19 -20.96 -26.81
H8 IVC G . 1.04 -22.85 -29.72
H9 IVC G . 2.71 -18.90 -31.17
H10 IVC G . 4.14 -18.91 -30.73
H11 IVC G . 7.16 -25.05 -25.90
H12 IVC G . 7.93 -23.13 -27.82
H13 IVC G . 8.54 -24.54 -27.77
H16 IVC G . 9.74 -25.87 -22.31
H17 IVC G . 10.75 -24.75 -21.98
H18 IVC G . 9.55 -25.16 -19.92
H19 IVC G . 8.36 -24.24 -19.56
H20 IVC G . 8.12 -25.59 -20.25
H21 IVC G . 6.83 -23.81 -21.88
H22 IVC G . 7.58 -24.07 -23.20
H23 IVC G . 7.22 -25.24 -22.29
H24 IVC G . 10.13 -22.61 -21.77
H25 IVC G . 8.74 -22.23 -23.25
H26 IVC G . 7.47 -20.73 -20.70
H27 IVC G . 8.56 -20.08 -18.34
H28 IVC G . 7.17 -19.61 -18.79
H29 IVC G . 7.57 -22.21 -17.84
H30 IVC G . 7.09 -21.11 -16.90
H31 IVC G . 4.26 -23.13 -18.47
H32 IVC G . 5.83 -24.88 -18.53
H33 IVC G . 6.73 -24.02 -17.63
H34 IVC G . 5.21 -25.83 -16.63
H35 IVC G . 4.29 -24.61 -16.50
H36 IVC G . 5.21 -26.71 -12.49
H37 IVC G . 4.62 -25.34 -12.82
H38 IVC G . 6.19 -24.28 -11.58
H39 IVC G . 8.10 -25.12 -10.83
H40 IVC G . 7.53 -26.53 -10.69
H41 IVC G . 7.93 -26.01 -12.08
H42 IVC G . 5.80 -25.27 -9.44
H43 IVC G . 5.00 -26.35 -10.19
H44 IVC G . 4.54 -24.88 -10.22
O9 IVC H . -8.49 -4.39 -2.53
P1 IVC H . -7.42 -5.19 -1.81
O5 IVC H . -8.01 -6.52 -1.34
O6 IVC H . -6.92 -4.42 -0.63
O2 IVC H . -6.18 -5.47 -2.85
C1 IVC H . -5.38 -6.64 -2.69
C2 IVC H . -5.75 -7.74 -3.87
O3 IVC H . -5.97 -7.05 -5.10
C4 IVC H . -4.68 -8.52 -3.98
N1 IVC H . -4.63 -9.63 -3.05
C7 IVC H . -3.51 -10.04 -2.47
N2 IVC H . -3.76 -11.06 -1.68
C8 IVC H . -5.09 -11.33 -1.74
C6 IVC H . -5.64 -10.42 -2.61
N3 IVC H . -6.98 -10.48 -2.85
C15 IVC H . -7.73 -11.39 -2.27
N4 IVC H . -7.23 -12.28 -1.42
C12 IVC H . -5.93 -12.29 -1.14
N5 IVC H . -5.38 -13.27 -0.20
O1 IVC H . -3.49 -7.56 -3.64
C3 IVC H . -4.13 -6.32 -2.90
C5 IVC H . -3.37 -6.05 -1.57
O4 IVC H . -2.57 -4.89 -1.77
P2 IVC H . -0.99 -4.98 -1.39
O12 IVC H . -0.53 -6.40 -1.53
O10 IVC H . -0.77 -4.52 0.04
O7 IVC H . -0.12 -4.02 -2.42
P3 IVC H . -0.80 -3.03 -3.53
O14 IVC H . -2.12 -2.51 -2.98
O13 IVC H . 0.11 -1.86 -3.78
O8 IVC H . -1.08 -3.84 -4.93
C11 IVC H . 0.01 -4.36 -5.64
C9 IVC H . -0.35 -5.76 -6.17
C13 IVC H . -1.88 -5.99 -6.09
C14 IVC H . 0.35 -6.82 -5.31
C10 IVC H . 0.06 -5.92 -7.65
O11 IVC H . -0.32 -4.80 -8.35
C16 IVC H . 1.60 -6.11 -7.76
O15 IVC H . 2.31 -5.35 -7.19
N6 IVC H . 2.18 -7.23 -8.54
C17 IVC H . 1.32 -8.19 -9.25
C18 IVC H . 0.67 -7.43 -10.43
C19 IVC H . -0.30 -8.24 -11.19
O16 IVC H . -0.09 -9.38 -11.37
N7 IVC H . -1.52 -7.64 -11.76
C20 IVC H . -1.84 -6.19 -11.57
C21 IVC H . -0.78 -5.25 -12.22
S1 IVC H . -0.52 -5.73 -13.95
C22 IVC H . -0.22 -4.17 -14.85
O17 IVC H . -0.88 -3.24 -14.63
C23 IVC H . 0.93 -4.10 -15.89
C24 IVC H . 0.40 -3.71 -17.28
C25 IVC H . 1.58 -3.43 -18.23
C26 IVC H . -0.53 -4.78 -17.85
H3 IVC H . -5.49 -7.02 -1.84
H4 IVC H . -6.51 -8.24 -3.63
H5 IVC H . -6.49 -6.41 -4.97
H6 IVC H . -4.60 -8.84 -4.85
H7 IVC H . -2.68 -9.65 -2.60
H8 IVC H . -8.64 -11.41 -2.45
H9 IVC H . -4.55 -13.20 0.06
H10 IVC H . -5.87 -13.93 0.08
H11 IVC H . -4.08 -5.57 -3.46
H12 IVC H . -2.84 -6.78 -1.34
H13 IVC H . -4.00 -5.89 -0.88
H16 IVC H . 0.76 -4.41 -5.07
H17 IVC H . 0.22 -3.78 -6.36
H18 IVC H . -2.11 -6.28 -5.22
H19 IVC H . -2.32 -5.18 -6.28
H20 IVC H . -2.13 -6.65 -6.71
H21 IVC H . 1.28 -6.68 -5.36
H22 IVC H . 0.06 -6.74 -4.43
H23 IVC H . 0.14 -7.67 -5.64
H24 IVC H . -0.36 -6.67 -8.01
H25 IVC H . -1.12 -4.64 -8.21
H26 IVC H . 3.04 -7.32 -8.58
H27 IVC H . 1.83 -8.89 -9.57
H28 IVC H . 0.65 -8.50 -8.67
H29 IVC H . 1.35 -7.14 -11.02
H30 IVC H . 0.22 -6.66 -10.09
H31 IVC H . -2.07 -8.14 -12.21
H32 IVC H . -1.89 -6.01 -10.64
H33 IVC H . -2.68 -6.01 -11.95
H34 IVC H . 0.04 -5.33 -11.75
H35 IVC H . -1.07 -4.36 -12.17
H36 IVC H . 1.35 -4.93 -15.95
H37 IVC H . 1.55 -3.46 -15.61
H38 IVC H . -0.10 -2.91 -17.18
H39 IVC H . 1.88 -2.54 -18.11
H40 IVC H . 2.28 -4.02 -18.05
H41 IVC H . 1.29 -3.54 -19.12
H42 IVC H . -0.01 -5.46 -18.22
H43 IVC H . -1.06 -5.13 -17.16
H44 IVC H . -1.08 -4.39 -18.51
O9 IVC I . -6.83 26.62 29.71
P1 IVC I . -6.43 27.44 28.50
O5 IVC I . -4.92 27.70 28.55
O6 IVC I . -7.16 28.76 28.52
O2 IVC I . -6.80 26.62 27.13
C1 IVC I . -5.78 26.41 26.16
C2 IVC I . -4.87 25.10 26.60
O3 IVC I . -5.71 24.14 27.25
C4 IVC I . -4.40 24.60 25.47
N1 IVC I . -3.27 25.33 24.96
C7 IVC I . -3.22 25.94 23.80
N2 IVC I . -2.03 26.52 23.63
C8 IVC I . -1.29 26.24 24.73
C6 IVC I . -2.06 25.50 25.57
N3 IVC I . -1.55 25.09 26.76
C15 IVC I . -0.31 25.42 27.10
N4 IVC I . 0.48 26.14 26.32
C12 IVC I . 0.03 26.57 25.14
N5 IVC I . 0.88 27.37 24.26
O1 IVC I . -5.62 24.79 24.50
C3 IVC I . -6.32 26.13 24.99
C5 IVC I . -6.06 27.26 23.93
O4 IVC I . -7.09 28.23 24.07
P2 IVC I . -8.11 28.45 22.81
O12 IVC I . -7.82 27.44 21.75
O10 IVC I . -7.92 29.84 22.24
O7 IVC I . -9.66 28.27 23.34
P3 IVC I . -10.61 27.00 22.93
O14 IVC I . -11.65 26.78 24.02
O13 IVC I . -11.30 27.29 21.62
O8 IVC I . -9.66 25.64 22.78
C11 IVC I . -10.15 24.52 22.07
C9 IVC I . -8.92 23.63 21.72
C13 IVC I . -7.92 24.48 20.88
C14 IVC I . -8.23 23.27 23.03
C10 IVC I . -9.35 22.31 21.04
O11 IVC I . -10.59 21.96 21.48
C16 IVC I . -9.38 22.40 19.50
O15 IVC I . -10.10 23.19 18.97
N6 IVC I . -8.51 21.54 18.64
C17 IVC I . -7.60 20.54 19.24
C18 IVC I . -8.41 19.37 19.85
C19 IVC I . -7.60 18.58 20.81
O16 IVC I . -6.47 18.40 20.61
N7 IVC I . -8.22 18.02 22.03
C20 IVC I . -9.66 18.23 22.34
C21 IVC I . -10.54 17.61 21.20
S1 IVC I . -11.28 16.05 21.81
C22 IVC I . -13.08 16.29 21.82
O17 IVC I . -13.51 17.37 21.76
C23 IVC I . -14.04 15.08 21.91
C24 IVC I . -13.63 13.97 20.92
C25 IVC I . -14.86 13.24 20.35
C26 IVC I . -12.67 12.99 21.60
H3 IVC I . -5.23 27.18 26.09
H4 IVC I . -4.16 25.36 27.16
H5 IVC I . -6.41 24.05 26.82
H6 IVC I . -4.21 23.69 25.57
H7 IVC I . -3.92 25.98 23.19
H8 IVC I . 0.01 25.13 27.93
H9 IVC I . 1.73 27.47 24.45
H10 IVC I . 0.55 27.75 23.56
H11 IVC I . -7.24 25.99 25.09
H12 IVC I . -6.09 26.89 23.08
H13 IVC I . -5.24 27.65 24.10
H16 IVC I . -10.74 24.04 22.62
H17 IVC I . -10.58 24.81 21.28
H18 IVC I . -7.99 25.38 21.12
H19 IVC I . -7.04 24.17 21.03
H20 IVC I . -8.13 24.38 19.97
H21 IVC I . -8.00 24.06 23.49
H22 IVC I . -8.81 22.76 23.55
H23 IVC I . -7.46 22.77 22.84
H24 IVC I . -8.74 21.63 21.29
H25 IVC I . -10.57 21.85 22.30
H26 IVC I . -8.56 21.61 17.77
H27 IVC I . -7.09 20.96 19.91
H28 IVC I . -7.03 20.21 18.57
H29 IVC I . -9.16 19.72 20.29
H30 IVC I . -8.70 18.81 19.16
H31 IVC I . -7.72 17.56 22.58
H32 IVC I . -9.84 19.15 22.39
H33 IVC I . -9.87 17.82 23.16
H34 IVC I . -11.22 18.21 20.96
H35 IVC I . -10.00 17.42 20.45
H36 IVC I . -14.03 14.74 22.78
H37 IVC I . -14.91 15.37 21.69
H38 IVC I . -13.16 14.37 20.20
H39 IVC I . -14.68 12.93 19.47
H40 IVC I . -15.07 12.50 20.89
H41 IVC I . -15.60 13.83 20.32
H42 IVC I . -13.01 12.77 22.44
H43 IVC I . -12.60 12.21 21.07
H44 IVC I . -11.83 13.38 21.69
O9 IVC J . 4.28 -2.48 8.92
P1 IVC J . 2.83 -2.44 8.51
O5 IVC J . 2.00 -3.16 9.57
O6 IVC J . 2.65 -3.10 7.18
O2 IVC J . 2.33 -0.87 8.40
C1 IVC J . 1.06 -0.53 8.94
C2 IVC J . 1.24 0.21 10.41
O3 IVC J . 2.39 1.06 10.37
C4 IVC J . 0.16 0.95 10.57
N1 IVC J . -1.01 0.21 11.02
C7 IVC J . -2.23 0.41 10.55
N2 IVC J . -3.07 -0.40 11.17
C8 IVC J . -2.39 -1.14 12.05
C6 IVC J . -1.08 -0.76 11.97
N3 IVC J . -0.16 -1.36 12.78
C15 IVC J . -0.53 -2.30 13.62
N4 IVC J . -1.79 -2.70 13.73
C12 IVC J . -2.73 -2.16 12.98
N5 IVC J . -4.12 -2.59 13.10
O1 IVC J . -0.11 1.47 9.12
C3 IVC J . 0.47 0.35 8.16
C5 IVC J . -0.68 -0.33 7.36
O4 IVC J . -1.39 0.69 6.66
P2 IVC J . -0.96 1.00 5.11
O12 IVC J . -1.15 -0.22 4.27
O10 IVC J . -1.80 2.13 4.57
O7 IVC J . 0.62 1.46 5.06
P3 IVC J . 1.10 2.81 4.25
O14 IVC J . 0.06 3.15 3.22
O13 IVC J . 2.41 2.55 3.55
O8 IVC J . 1.27 4.04 5.34
C11 IVC J . 0.71 3.88 6.61
C9 IVC J . 0.88 5.22 7.37
C13 IVC J . 0.57 5.03 8.88
C14 IVC J . 2.35 5.64 7.25
C10 IVC J . -0.08 6.25 6.72
O11 IVC J . -1.31 6.19 7.29
C16 IVC J . 0.49 7.69 6.77
O15 IVC J . 1.32 7.97 6.00
N6 IVC J . 0.04 8.73 7.73
C17 IVC J . -1.00 8.52 8.76
C18 IVC J . -0.70 9.43 9.99
C19 IVC J . 0.58 9.02 10.64
O16 IVC J . 0.59 8.75 11.79
N7 IVC J . 1.82 8.94 9.84
C20 IVC J . 3.09 8.53 10.48
C21 IVC J . 4.27 9.30 9.78
S1 IVC J . 3.92 11.08 9.94
C22 IVC J . 5.25 12.02 9.14
O17 IVC J . 6.23 11.48 8.80
C23 IVC J . 5.06 13.54 8.90
C24 IVC J . 6.31 14.35 9.29
C25 IVC J . 6.20 14.85 10.75
C26 IVC J . 6.51 15.50 8.32
H3 IVC J . 0.53 -1.30 9.03
H4 IVC J . 1.31 -0.43 11.10
H5 IVC J . 3.03 0.65 10.02
H6 IVC J . 0.34 1.67 11.14
H7 IVC J . -2.45 1.03 9.90
H8 IVC J . 0.12 -2.69 14.16
H9 IVC J . -4.31 -3.35 13.50
H10 IVC J . -4.77 -2.12 12.77
H11 IVC J . 1.09 0.72 7.58
H12 IVC J . -0.33 -0.95 6.75
H13 IVC J . -1.27 -0.77 7.95
H16 IVC J . -0.19 3.67 6.54
H17 IVC J . 1.17 3.20 7.08
H18 IVC J . 0.99 5.70 9.38
H19 IVC J . -0.36 5.07 9.01
H20 IVC J . 0.88 4.18 9.15
H21 IVC J . 2.49 6.45 7.69
H22 IVC J . 2.57 5.74 6.34
H23 IVC J . 2.90 4.98 7.62
H24 IVC J . -0.18 6.01 5.81
H25 IVC J . -1.79 5.63 6.90
H26 IVC J . 0.41 9.51 7.68
H27 IVC J . -1.84 8.76 8.40
H28 IVC J . -1.00 7.62 9.03
H29 IVC J . -0.62 10.32 9.71
H30 IVC J . -1.39 9.35 10.60
H31 IVC J . 1.80 9.13 9.00
H32 IVC J . 3.23 7.60 10.38
H33 IVC J . 3.08 8.74 11.40
H34 IVC J . 4.32 9.06 8.88
H35 IVC J . 5.08 9.10 10.21
H36 IVC J . 4.32 13.85 9.40
H37 IVC J . 4.88 13.68 7.99
H38 IVC J . 7.05 13.78 9.23
H39 IVC J . 5.80 15.70 10.77
H40 IVC J . 7.06 14.91 11.13
H41 IVC J . 5.69 14.24 11.26
H42 IVC J . 7.13 16.11 8.68
H43 IVC J . 6.84 15.18 7.51
H44 IVC J . 5.70 15.94 8.18
#